data_8R3U
#
_entry.id   8R3U
#
_cell.length_a   79.530
_cell.length_b   107.852
_cell.length_c   96.860
_cell.angle_alpha   90.000
_cell.angle_beta   93.133
_cell.angle_gamma   90.000
#
_symmetry.space_group_name_H-M   'P 1 21 1'
#
loop_
_entity.id
_entity.type
_entity.pdbx_description
1 polymer 'Deoxyhypusine synthase'
2 non-polymer 2-[(2~{R})-1-azanyl-4-methyl-pentan-2-yl]-5-pyridin-3-yl-isoquinolin-1-one
3 non-polymer 1,2-ETHANEDIOL
4 non-polymer 'DIMETHYL SULFOXIDE'
5 water water
#
_entity_poly.entity_id   1
_entity_poly.type   'polypeptide(L)'
_entity_poly.pdbx_seq_one_letter_code
;GSEGSLEREAPAGALAAVLKHSSTLPPESTQVRGYDFNRGVNYRALLEAFGTTGFQATNFGRAVQQVNAMIEKKLEPLSQ
DEDQHADLTQSRRPLTSCTIFLGYTSNLISSGIRETIRYLVQHNMVDVLVTTAGGVEEDLIKCLAPTYLGEFSLRGKELR
ENGINRIGNLLVPNENYCKFEDWLMPILDQMVMEQNTEGVKWTPSKMIARLGKEINNPESVYYWAQKNHIPVFSPALTDG
SLGDMIFFHSYKNPGLVLDIVEDLRLINTQAIFAKCTGMIILGGGVVKHHIANANLMRNGADYAVYINTAQEFDGSDSGA
RPDEAVSWGKIRVDAQPVKVYADASLVFPLLVAETFAQKMDAFMHEKNED
;
_entity_poly.pdbx_strand_id   AAA,BBB,CCC,DDD
#
# COMPACT_ATOMS: atom_id res chain seq x y z
N SER A 29 -6.25 -31.17 -0.17
CA SER A 29 -5.82 -29.81 -0.57
C SER A 29 -6.44 -29.44 -1.93
N THR A 30 -6.87 -28.20 -2.09
CA THR A 30 -7.48 -27.68 -3.34
C THR A 30 -6.36 -27.26 -4.30
N GLN A 31 -6.45 -27.72 -5.54
CA GLN A 31 -5.47 -27.35 -6.60
C GLN A 31 -5.82 -25.98 -7.16
N VAL A 32 -4.80 -25.21 -7.46
CA VAL A 32 -4.95 -23.92 -8.18
C VAL A 32 -5.32 -24.21 -9.63
N ARG A 33 -6.39 -23.59 -10.09
CA ARG A 33 -6.84 -23.68 -11.47
C ARG A 33 -7.76 -22.48 -11.74
N GLY A 34 -7.46 -21.72 -12.80
CA GLY A 34 -8.32 -20.61 -13.22
C GLY A 34 -9.45 -21.08 -14.08
N TYR A 35 -10.43 -20.21 -14.29
CA TYR A 35 -11.53 -20.49 -15.23
C TYR A 35 -10.95 -20.67 -16.65
N ASP A 36 -11.46 -21.68 -17.37
CA ASP A 36 -11.06 -22.00 -18.77
C ASP A 36 -12.06 -21.35 -19.73
N PHE A 37 -11.64 -20.30 -20.42
CA PHE A 37 -12.53 -19.56 -21.35
C PHE A 37 -12.83 -20.41 -22.62
N ASN A 38 -12.18 -21.54 -22.80
CA ASN A 38 -12.59 -22.48 -23.88
C ASN A 38 -14.00 -23.00 -23.59
N ARG A 39 -14.49 -22.89 -22.35
CA ARG A 39 -15.89 -23.24 -21.99
C ARG A 39 -16.86 -22.15 -22.45
N GLY A 40 -16.38 -21.04 -23.01
CA GLY A 40 -17.19 -19.84 -23.25
C GLY A 40 -17.31 -19.04 -21.96
N VAL A 41 -18.20 -18.07 -21.94
CA VAL A 41 -18.41 -17.18 -20.77
C VAL A 41 -19.65 -17.63 -20.00
N ASN A 42 -19.41 -18.42 -18.99
CA ASN A 42 -20.41 -18.80 -17.97
C ASN A 42 -20.07 -18.00 -16.70
N TYR A 43 -20.82 -16.94 -16.45
CA TYR A 43 -20.47 -15.97 -15.37
C TYR A 43 -20.48 -16.66 -14.01
N ARG A 44 -21.44 -17.52 -13.73
CA ARG A 44 -21.48 -18.17 -12.39
C ARG A 44 -20.24 -19.04 -12.22
N ALA A 45 -19.87 -19.80 -13.24
CA ALA A 45 -18.68 -20.67 -13.14
C ALA A 45 -17.40 -19.80 -13.04
N LEU A 46 -17.35 -18.68 -13.78
CA LEU A 46 -16.17 -17.74 -13.76
C LEU A 46 -16.00 -17.19 -12.33
N LEU A 47 -17.10 -16.76 -11.72
CA LEU A 47 -17.05 -16.20 -10.35
C LEU A 47 -16.70 -17.28 -9.34
N GLU A 48 -17.22 -18.49 -9.50
CA GLU A 48 -16.85 -19.60 -8.57
C GLU A 48 -15.38 -19.94 -8.71
N ALA A 49 -14.82 -19.88 -9.93
CA ALA A 49 -13.40 -20.18 -10.18
C ALA A 49 -12.45 -19.22 -9.46
N PHE A 50 -12.91 -18.04 -9.03
CA PHE A 50 -12.05 -17.16 -8.18
C PHE A 50 -11.52 -17.94 -6.97
N GLY A 51 -12.33 -18.84 -6.40
CA GLY A 51 -11.92 -19.59 -5.21
C GLY A 51 -10.66 -20.40 -5.41
N THR A 52 -10.43 -20.90 -6.63
CA THR A 52 -9.24 -21.74 -6.94
C THR A 52 -8.21 -20.95 -7.76
N THR A 53 -8.38 -19.64 -7.90
CA THR A 53 -7.46 -18.81 -8.72
C THR A 53 -6.27 -18.34 -7.87
N GLY A 54 -6.44 -18.19 -6.55
CA GLY A 54 -5.33 -17.76 -5.68
C GLY A 54 -5.36 -16.28 -5.37
N PHE A 55 -4.49 -15.87 -4.46
CA PHE A 55 -4.28 -14.47 -4.05
C PHE A 55 -5.64 -13.90 -3.64
N GLN A 56 -5.96 -12.65 -4.02
CA GLN A 56 -7.20 -12.04 -3.53
C GLN A 56 -8.40 -12.69 -4.21
N ALA A 57 -8.28 -13.31 -5.40
CA ALA A 57 -9.42 -14.06 -6.01
C ALA A 57 -9.88 -15.14 -5.00
N THR A 58 -8.96 -15.88 -4.40
CA THR A 58 -9.30 -16.93 -3.41
C THR A 58 -9.98 -16.26 -2.20
N ASN A 59 -9.47 -15.12 -1.73
CA ASN A 59 -10.10 -14.42 -0.58
C ASN A 59 -11.52 -14.02 -0.96
N PHE A 60 -11.73 -13.58 -2.19
CA PHE A 60 -13.08 -13.24 -2.66
C PHE A 60 -13.98 -14.49 -2.56
N GLY A 61 -13.51 -15.64 -3.02
CA GLY A 61 -14.32 -16.86 -2.96
C GLY A 61 -14.63 -17.23 -1.50
N ARG A 62 -13.70 -17.01 -0.59
CA ARG A 62 -13.94 -17.28 0.86
CA ARG A 62 -13.93 -17.28 0.86
C ARG A 62 -14.94 -16.28 1.40
N ALA A 63 -14.91 -15.03 0.92
CA ALA A 63 -15.85 -13.98 1.35
C ALA A 63 -17.26 -14.38 0.91
N VAL A 64 -17.42 -14.87 -0.32
CA VAL A 64 -18.74 -15.33 -0.83
C VAL A 64 -19.25 -16.47 0.09
N GLN A 65 -18.41 -17.43 0.45
CA GLN A 65 -18.78 -18.56 1.35
C GLN A 65 -19.24 -18.02 2.70
N GLN A 66 -18.50 -17.07 3.29
CA GLN A 66 -18.83 -16.50 4.63
C GLN A 66 -20.16 -15.75 4.54
N VAL A 67 -20.37 -14.95 3.52
CA VAL A 67 -21.62 -14.15 3.42
C VAL A 67 -22.81 -15.10 3.14
N ASN A 68 -22.62 -16.11 2.31
CA ASN A 68 -23.71 -17.10 2.06
C ASN A 68 -24.04 -17.84 3.37
N ALA A 69 -23.05 -18.13 4.20
CA ALA A 69 -23.25 -18.77 5.52
C ALA A 69 -24.04 -17.82 6.42
N MET A 70 -23.73 -16.52 6.39
CA MET A 70 -24.47 -15.49 7.16
C MET A 70 -25.92 -15.49 6.73
N ILE A 71 -26.16 -15.49 5.42
CA ILE A 71 -27.53 -15.37 4.87
C ILE A 71 -28.32 -16.64 5.23
N GLU A 72 -27.71 -17.80 5.08
CA GLU A 72 -28.40 -19.09 5.36
C GLU A 72 -28.73 -19.12 6.85
N LYS A 73 -27.85 -18.60 7.70
CA LYS A 73 -28.13 -18.51 9.15
C LYS A 73 -29.32 -17.56 9.35
N LYS A 74 -29.27 -16.37 8.76
CA LYS A 74 -30.33 -15.35 8.92
C LYS A 74 -31.69 -15.95 8.54
N LEU A 75 -31.75 -16.80 7.51
CA LEU A 75 -33.05 -17.32 7.01
C LEU A 75 -33.50 -18.53 7.86
N GLU A 76 -32.68 -19.09 8.74
CA GLU A 76 -33.13 -20.14 9.70
C GLU A 76 -34.22 -19.57 10.61
N PRO A 77 -35.38 -20.27 10.71
CA PRO A 77 -36.48 -19.76 11.55
C PRO A 77 -36.00 -19.69 13.01
N LEU A 78 -36.43 -18.69 13.74
CA LEU A 78 -36.23 -18.63 15.21
C LEU A 78 -37.22 -19.62 15.85
N SER A 79 -36.79 -20.45 16.80
CA SER A 79 -37.71 -21.22 17.70
C SER A 79 -38.59 -20.27 18.50
N GLN A 80 -39.67 -20.75 19.11
CA GLN A 80 -40.52 -19.91 20.02
C GLN A 80 -39.67 -19.40 21.19
N ASP A 81 -38.72 -20.22 21.67
CA ASP A 81 -37.76 -19.83 22.74
C ASP A 81 -36.83 -18.72 22.23
N GLU A 82 -36.12 -18.94 21.13
CA GLU A 82 -35.22 -17.92 20.49
C GLU A 82 -36.02 -16.64 20.18
N ASP A 83 -37.23 -16.78 19.62
CA ASP A 83 -38.14 -15.64 19.25
C ASP A 83 -38.38 -14.77 20.49
N GLN A 84 -38.45 -15.40 21.67
CA GLN A 84 -38.70 -14.72 22.97
C GLN A 84 -37.48 -13.86 23.34
N HIS A 85 -36.27 -14.44 23.24
CA HIS A 85 -34.96 -13.76 23.48
C HIS A 85 -34.89 -12.53 22.55
N ALA A 86 -35.32 -12.72 21.29
CA ALA A 86 -35.24 -11.76 20.17
C ALA A 86 -36.04 -10.48 20.48
N ASP A 87 -37.21 -10.61 21.12
CA ASP A 87 -38.20 -9.53 21.30
C ASP A 87 -37.80 -8.56 22.42
N LEU A 88 -36.67 -8.78 23.13
CA LEU A 88 -36.24 -7.98 24.31
C LEU A 88 -35.46 -6.74 23.87
N THR A 89 -36.04 -5.93 22.98
CA THR A 89 -35.38 -4.79 22.28
C THR A 89 -36.36 -3.62 22.11
N ARG A 93 -37.60 -3.52 14.84
CA ARG A 93 -37.55 -4.56 13.75
C ARG A 93 -37.58 -5.95 14.40
N PRO A 94 -38.13 -6.96 13.69
CA PRO A 94 -38.13 -8.33 14.21
C PRO A 94 -36.71 -8.94 14.22
N LEU A 95 -36.36 -9.65 15.29
CA LEU A 95 -35.06 -10.37 15.32
C LEU A 95 -35.11 -11.51 14.29
N THR A 96 -33.97 -11.82 13.68
CA THR A 96 -33.78 -12.98 12.77
C THR A 96 -32.73 -13.85 13.42
N SER A 97 -32.37 -14.96 12.79
CA SER A 97 -31.33 -15.87 13.33
C SER A 97 -29.91 -15.33 13.14
N CYS A 98 -29.72 -14.24 12.40
CA CYS A 98 -28.37 -13.62 12.24
C CYS A 98 -28.52 -12.12 12.01
N THR A 99 -28.00 -11.35 12.96
CA THR A 99 -27.99 -9.88 12.88
C THR A 99 -26.72 -9.47 12.10
N ILE A 100 -26.90 -8.85 10.95
CA ILE A 100 -25.75 -8.47 10.08
C ILE A 100 -25.51 -6.96 10.21
N PHE A 101 -24.29 -6.63 10.61
CA PHE A 101 -23.78 -5.23 10.69
C PHE A 101 -23.07 -4.94 9.35
N LEU A 102 -23.49 -3.87 8.71
CA LEU A 102 -22.85 -3.42 7.44
C LEU A 102 -22.20 -2.08 7.74
N GLY A 103 -20.89 -2.07 7.74
CA GLY A 103 -20.09 -0.85 7.97
C GLY A 103 -19.40 -0.43 6.68
N TYR A 104 -19.32 0.87 6.46
CA TYR A 104 -18.72 1.39 5.22
C TYR A 104 -18.23 2.83 5.47
N THR A 105 -17.14 3.16 4.77
CA THR A 105 -16.55 4.52 4.75
C THR A 105 -17.41 5.39 3.84
N SER A 106 -17.41 6.69 4.13
N SER A 106 -17.42 6.69 4.13
CA SER A 106 -18.17 7.73 3.40
CA SER A 106 -18.18 7.73 3.40
C SER A 106 -17.83 7.70 1.90
C SER A 106 -17.83 7.70 1.90
N ASN A 107 -16.57 7.44 1.54
CA ASN A 107 -16.17 7.46 0.10
C ASN A 107 -17.05 6.46 -0.68
N LEU A 108 -17.45 5.35 -0.06
CA LEU A 108 -18.28 4.34 -0.78
C LEU A 108 -19.69 4.88 -1.04
N ILE A 109 -20.18 5.77 -0.18
CA ILE A 109 -21.48 6.45 -0.44
C ILE A 109 -21.36 7.44 -1.60
N SER A 110 -20.22 8.09 -1.78
CA SER A 110 -19.96 9.00 -2.95
C SER A 110 -19.89 8.15 -4.22
N SER A 111 -19.35 6.93 -4.14
CA SER A 111 -19.29 6.00 -5.28
C SER A 111 -20.68 5.42 -5.59
N GLY A 112 -20.75 4.63 -6.67
CA GLY A 112 -21.96 3.86 -7.07
C GLY A 112 -22.30 2.75 -6.09
N ILE A 113 -21.41 2.46 -5.13
CA ILE A 113 -21.69 1.45 -4.07
C ILE A 113 -22.85 1.93 -3.21
N ARG A 114 -23.14 3.24 -3.23
CA ARG A 114 -24.37 3.79 -2.63
C ARG A 114 -25.58 2.95 -3.11
N GLU A 115 -25.68 2.64 -4.41
CA GLU A 115 -26.81 1.86 -4.95
C GLU A 115 -26.81 0.45 -4.37
N THR A 116 -25.65 -0.16 -4.25
CA THR A 116 -25.51 -1.54 -3.73
C THR A 116 -25.99 -1.57 -2.26
N ILE A 117 -25.53 -0.61 -1.47
CA ILE A 117 -25.94 -0.49 -0.05
C ILE A 117 -27.44 -0.23 0.03
N ARG A 118 -27.96 0.70 -0.77
CA ARG A 118 -29.40 1.04 -0.75
C ARG A 118 -30.20 -0.24 -1.01
N TYR A 119 -29.82 -1.04 -1.98
CA TYR A 119 -30.53 -2.30 -2.32
C TYR A 119 -30.61 -3.21 -1.08
N LEU A 120 -29.48 -3.43 -0.39
CA LEU A 120 -29.46 -4.34 0.79
C LEU A 120 -30.39 -3.79 1.88
N VAL A 121 -30.38 -2.49 2.08
CA VAL A 121 -31.18 -1.85 3.14
C VAL A 121 -32.67 -1.90 2.74
N GLN A 122 -32.98 -1.57 1.51
CA GLN A 122 -34.34 -1.58 0.95
C GLN A 122 -35.02 -2.93 1.21
N HIS A 123 -34.30 -4.03 1.06
CA HIS A 123 -34.88 -5.39 1.17
C HIS A 123 -34.59 -6.01 2.54
N ASN A 124 -34.17 -5.23 3.53
CA ASN A 124 -34.00 -5.74 4.92
C ASN A 124 -33.00 -6.90 4.96
N MET A 125 -31.97 -6.84 4.14
CA MET A 125 -30.99 -7.96 4.07
C MET A 125 -29.89 -7.74 5.13
N VAL A 126 -29.76 -6.52 5.63
CA VAL A 126 -28.83 -6.23 6.77
C VAL A 126 -29.64 -5.54 7.87
N ASP A 127 -29.09 -5.48 9.07
CA ASP A 127 -29.83 -5.11 10.30
C ASP A 127 -29.31 -3.83 10.91
N VAL A 128 -28.03 -3.52 10.75
CA VAL A 128 -27.41 -2.32 11.37
C VAL A 128 -26.41 -1.70 10.39
N LEU A 129 -26.45 -0.38 10.23
CA LEU A 129 -25.44 0.34 9.42
C LEU A 129 -24.49 1.13 10.35
N VAL A 130 -23.22 1.14 9.99
CA VAL A 130 -22.20 2.00 10.66
C VAL A 130 -21.42 2.72 9.58
N THR A 131 -21.29 4.03 9.69
CA THR A 131 -20.49 4.79 8.70
C THR A 131 -19.61 5.84 9.39
N THR A 132 -18.90 6.56 8.59
CA THR A 132 -17.84 7.55 8.99
C THR A 132 -18.28 8.93 8.50
N ALA A 133 -17.50 9.96 8.80
CA ALA A 133 -17.81 11.35 8.50
C ALA A 133 -18.12 11.50 6.99
N GLY A 134 -19.24 12.14 6.67
CA GLY A 134 -19.69 12.36 5.27
C GLY A 134 -20.64 11.28 4.80
N GLY A 135 -20.68 10.10 5.46
CA GLY A 135 -21.38 8.91 4.97
C GLY A 135 -22.89 9.06 4.96
N VAL A 136 -23.41 10.00 5.73
CA VAL A 136 -24.87 10.29 5.76
C VAL A 136 -25.20 11.31 4.68
N GLU A 137 -24.56 12.47 4.74
CA GLU A 137 -24.98 13.60 3.86
C GLU A 137 -24.69 13.27 2.38
N GLU A 138 -23.67 12.49 2.06
CA GLU A 138 -23.37 12.22 0.62
C GLU A 138 -24.52 11.39 0.02
N ASP A 139 -25.25 10.61 0.80
CA ASP A 139 -26.43 9.87 0.29
C ASP A 139 -27.59 10.86 0.05
N LEU A 140 -27.82 11.78 0.99
CA LEU A 140 -28.97 12.70 0.97
C LEU A 140 -28.76 13.71 -0.18
N ILE A 141 -27.54 14.23 -0.31
CA ILE A 141 -27.22 15.22 -1.38
C ILE A 141 -27.50 14.62 -2.78
N LYS A 142 -27.24 13.32 -2.97
CA LYS A 142 -27.43 12.66 -4.28
C LYS A 142 -28.92 12.65 -4.63
N CYS A 143 -29.82 12.79 -3.66
CA CYS A 143 -31.28 12.92 -3.91
C CYS A 143 -31.60 14.31 -4.50
N LEU A 144 -30.72 15.30 -4.32
CA LEU A 144 -30.94 16.71 -4.75
C LEU A 144 -30.16 17.02 -6.03
N ALA A 145 -29.00 16.42 -6.22
CA ALA A 145 -28.12 16.68 -7.37
C ALA A 145 -27.12 15.55 -7.49
N PRO A 146 -26.68 15.21 -8.71
CA PRO A 146 -25.76 14.09 -8.90
C PRO A 146 -24.30 14.40 -8.58
N THR A 147 -23.58 13.34 -8.31
CA THR A 147 -22.10 13.25 -8.27
C THR A 147 -21.63 12.82 -9.66
N TYR A 148 -20.48 13.32 -10.11
CA TYR A 148 -19.95 13.11 -11.48
C TYR A 148 -18.62 12.39 -11.42
N LEU A 149 -18.29 11.71 -12.52
CA LEU A 149 -16.92 11.21 -12.76
C LEU A 149 -16.01 12.37 -13.15
N GLY A 150 -14.83 12.44 -12.55
CA GLY A 150 -13.69 13.26 -13.00
C GLY A 150 -12.64 12.36 -13.60
N GLU A 151 -11.40 12.39 -13.05
CA GLU A 151 -10.23 11.61 -13.53
C GLU A 151 -9.30 11.25 -12.36
N GLY A 163 -15.67 25.59 -8.21
CA GLY A 163 -16.34 25.11 -6.99
C GLY A 163 -16.72 23.64 -7.10
N ILE A 164 -15.75 22.76 -6.85
CA ILE A 164 -15.89 21.26 -6.95
C ILE A 164 -15.22 20.60 -5.74
N ASN A 165 -15.90 19.68 -5.06
CA ASN A 165 -15.28 18.78 -4.05
C ASN A 165 -14.80 17.51 -4.79
N ARG A 166 -13.49 17.25 -4.81
CA ARG A 166 -12.89 16.06 -5.48
C ARG A 166 -12.76 14.95 -4.44
N ILE A 167 -13.34 13.78 -4.71
CA ILE A 167 -13.20 12.55 -3.87
C ILE A 167 -12.67 11.45 -4.80
N GLY A 168 -11.37 11.19 -4.74
CA GLY A 168 -10.64 10.36 -5.71
C GLY A 168 -10.91 10.82 -7.12
N ASN A 169 -11.57 10.03 -7.95
CA ASN A 169 -11.89 10.38 -9.36
C ASN A 169 -13.34 10.83 -9.46
N LEU A 170 -13.98 11.21 -8.35
CA LEU A 170 -15.37 11.72 -8.33
C LEU A 170 -15.36 13.23 -8.06
N LEU A 171 -16.40 13.90 -8.51
CA LEU A 171 -16.59 15.36 -8.40
C LEU A 171 -17.98 15.63 -7.83
N VAL A 172 -18.04 16.35 -6.73
CA VAL A 172 -19.34 16.83 -6.16
C VAL A 172 -19.35 18.35 -6.28
N PRO A 173 -20.12 18.94 -7.20
CA PRO A 173 -20.20 20.40 -7.32
C PRO A 173 -20.61 21.03 -5.99
N ASN A 174 -19.98 22.15 -5.65
CA ASN A 174 -20.26 22.93 -4.40
C ASN A 174 -21.75 23.27 -4.34
N GLU A 175 -22.41 23.49 -5.48
CA GLU A 175 -23.86 23.78 -5.54
C GLU A 175 -24.67 22.66 -4.85
N ASN A 176 -24.19 21.41 -4.93
CA ASN A 176 -24.89 20.24 -4.33
C ASN A 176 -25.04 20.47 -2.83
N TYR A 177 -23.98 20.97 -2.21
CA TYR A 177 -23.93 21.25 -0.74
C TYR A 177 -24.87 22.42 -0.42
N CYS A 178 -24.95 23.42 -1.31
CA CYS A 178 -25.85 24.60 -1.10
C CYS A 178 -27.31 24.13 -1.12
N LYS A 179 -27.70 23.29 -2.09
CA LYS A 179 -29.07 22.73 -2.16
C LYS A 179 -29.35 21.95 -0.87
N PHE A 180 -28.37 21.17 -0.41
CA PHE A 180 -28.53 20.36 0.81
C PHE A 180 -28.75 21.28 2.02
N GLU A 181 -27.93 22.33 2.14
CA GLU A 181 -28.06 23.27 3.27
C GLU A 181 -29.47 23.89 3.29
N ASP A 182 -29.98 24.33 2.14
CA ASP A 182 -31.34 24.95 2.04
C ASP A 182 -32.40 23.94 2.50
N TRP A 183 -32.25 22.67 2.12
CA TRP A 183 -33.18 21.60 2.51
C TRP A 183 -33.07 21.33 4.03
N LEU A 184 -31.85 21.36 4.56
CA LEU A 184 -31.57 20.90 5.95
C LEU A 184 -32.06 21.91 7.00
N MET A 185 -31.84 23.21 6.79
CA MET A 185 -32.04 24.24 7.86
C MET A 185 -33.43 24.15 8.49
N PRO A 186 -34.54 24.08 7.72
CA PRO A 186 -35.87 23.95 8.32
C PRO A 186 -36.04 22.70 9.17
N ILE A 187 -35.40 21.59 8.79
CA ILE A 187 -35.48 20.34 9.57
C ILE A 187 -34.74 20.54 10.91
N LEU A 188 -33.58 21.19 10.89
CA LEU A 188 -32.83 21.48 12.14
C LEU A 188 -33.70 22.37 13.05
N ASP A 189 -34.41 23.34 12.49
CA ASP A 189 -35.36 24.19 13.28
C ASP A 189 -36.38 23.31 13.99
N GLN A 190 -37.01 22.38 13.28
CA GLN A 190 -38.03 21.47 13.86
C GLN A 190 -37.36 20.59 14.92
N MET A 191 -36.13 20.11 14.67
CA MET A 191 -35.46 19.22 15.65
C MET A 191 -35.22 19.97 16.96
N VAL A 192 -34.77 21.22 16.89
CA VAL A 192 -34.50 22.01 18.13
C VAL A 192 -35.84 22.28 18.84
N MET A 193 -36.90 22.62 18.10
CA MET A 193 -38.23 22.86 18.72
C MET A 193 -38.70 21.59 19.43
N GLU A 194 -38.55 20.41 18.81
CA GLU A 194 -39.03 19.15 19.38
C GLU A 194 -38.19 18.82 20.63
N GLN A 195 -36.92 19.14 20.59
CA GLN A 195 -36.04 18.93 21.78
C GLN A 195 -36.59 19.78 22.94
N ASN A 196 -36.89 21.03 22.65
CA ASN A 196 -37.17 22.07 23.68
C ASN A 196 -38.63 21.97 24.15
N THR A 197 -39.57 21.47 23.35
CA THR A 197 -41.02 21.47 23.70
C THR A 197 -41.56 20.05 23.85
N GLU A 198 -40.96 19.03 23.26
CA GLU A 198 -41.55 17.65 23.30
C GLU A 198 -40.59 16.66 23.94
N GLY A 199 -39.54 17.13 24.61
CA GLY A 199 -38.60 16.29 25.37
C GLY A 199 -37.80 15.30 24.52
N VAL A 200 -37.63 15.53 23.22
CA VAL A 200 -36.81 14.61 22.37
C VAL A 200 -35.34 14.73 22.78
N LYS A 201 -34.69 13.59 22.97
CA LYS A 201 -33.25 13.50 23.30
C LYS A 201 -32.56 12.96 22.05
N TRP A 202 -32.04 13.85 21.24
CA TRP A 202 -31.42 13.48 19.94
C TRP A 202 -30.10 12.75 20.16
N THR A 203 -29.83 11.80 19.26
CA THR A 203 -28.55 11.07 19.08
C THR A 203 -28.28 11.08 17.58
N PRO A 204 -27.05 10.76 17.15
CA PRO A 204 -26.79 10.65 15.71
C PRO A 204 -27.78 9.69 15.05
N SER A 205 -28.05 8.51 15.60
CA SER A 205 -28.93 7.51 14.93
C SER A 205 -30.34 8.10 14.78
N LYS A 206 -30.86 8.80 15.78
CA LYS A 206 -32.22 9.40 15.71
C LYS A 206 -32.23 10.51 14.66
N MET A 207 -31.16 11.29 14.58
CA MET A 207 -31.07 12.37 13.59
C MET A 207 -31.01 11.75 12.18
N ILE A 208 -30.23 10.69 11.98
CA ILE A 208 -30.08 10.06 10.65
C ILE A 208 -31.44 9.48 10.20
N ALA A 209 -32.17 8.85 11.11
CA ALA A 209 -33.54 8.35 10.84
C ALA A 209 -34.46 9.51 10.40
N ARG A 210 -34.40 10.63 11.10
CA ARG A 210 -35.20 11.83 10.77
C ARG A 210 -34.81 12.34 9.39
N LEU A 211 -33.51 12.45 9.09
CA LEU A 211 -33.10 12.98 7.75
C LEU A 211 -33.59 12.02 6.66
N GLY A 212 -33.51 10.71 6.90
CA GLY A 212 -33.97 9.71 5.91
C GLY A 212 -35.49 9.82 5.70
N LYS A 213 -36.25 10.03 6.76
CA LYS A 213 -37.71 10.23 6.67
C LYS A 213 -37.99 11.48 5.85
N GLU A 214 -37.28 12.57 6.14
CA GLU A 214 -37.48 13.87 5.46
C GLU A 214 -37.09 13.76 3.98
N ILE A 215 -36.00 13.04 3.64
CA ILE A 215 -35.56 13.03 2.21
C ILE A 215 -36.65 12.34 1.38
N ASN A 216 -37.31 11.34 1.96
CA ASN A 216 -38.55 10.75 1.41
C ASN A 216 -38.35 10.37 -0.06
N ASN A 217 -37.29 9.63 -0.35
CA ASN A 217 -36.82 9.37 -1.73
C ASN A 217 -36.26 7.96 -1.77
N PRO A 218 -36.84 7.06 -2.59
CA PRO A 218 -36.47 5.64 -2.59
C PRO A 218 -35.09 5.36 -3.20
N GLU A 219 -34.36 6.37 -3.65
CA GLU A 219 -32.92 6.20 -4.05
C GLU A 219 -32.00 6.31 -2.81
N SER A 220 -32.52 6.76 -1.68
CA SER A 220 -31.72 7.08 -0.46
C SER A 220 -31.54 5.83 0.41
N VAL A 221 -30.30 5.52 0.76
CA VAL A 221 -29.98 4.48 1.77
C VAL A 221 -30.77 4.82 3.05
N TYR A 222 -30.72 6.06 3.52
CA TYR A 222 -31.21 6.43 4.88
C TYR A 222 -32.73 6.52 4.88
N TYR A 223 -33.35 6.83 3.73
CA TYR A 223 -34.82 6.70 3.57
C TYR A 223 -35.22 5.26 3.89
N TRP A 224 -34.59 4.29 3.26
CA TRP A 224 -34.93 2.86 3.45
C TRP A 224 -34.57 2.41 4.86
N ALA A 225 -33.43 2.83 5.43
CA ALA A 225 -33.03 2.37 6.77
C ALA A 225 -34.13 2.77 7.76
N GLN A 226 -34.60 4.01 7.73
CA GLN A 226 -35.60 4.43 8.75
C GLN A 226 -36.93 3.72 8.44
N LYS A 227 -37.29 3.56 7.15
CA LYS A 227 -38.55 2.89 6.78
C LYS A 227 -38.52 1.46 7.29
N ASN A 228 -37.37 0.79 7.23
CA ASN A 228 -37.23 -0.63 7.58
C ASN A 228 -36.72 -0.83 9.01
N HIS A 229 -36.63 0.22 9.81
CA HIS A 229 -36.20 0.12 11.25
C HIS A 229 -34.78 -0.43 11.35
N ILE A 230 -33.91 -0.04 10.42
CA ILE A 230 -32.48 -0.37 10.47
C ILE A 230 -31.77 0.85 11.05
N PRO A 231 -31.24 0.76 12.28
CA PRO A 231 -30.56 1.89 12.90
C PRO A 231 -29.21 2.15 12.22
N VAL A 232 -28.84 3.42 12.18
CA VAL A 232 -27.57 3.89 11.57
C VAL A 232 -26.75 4.60 12.67
N PHE A 233 -25.52 4.16 12.87
CA PHE A 233 -24.60 4.71 13.89
C PHE A 233 -23.49 5.47 13.20
N SER A 234 -23.25 6.70 13.68
CA SER A 234 -22.14 7.53 13.16
C SER A 234 -21.77 8.60 14.18
N PRO A 235 -20.90 8.28 15.15
CA PRO A 235 -20.38 9.30 16.07
C PRO A 235 -19.72 10.48 15.35
N ALA A 236 -19.15 10.23 14.17
CA ALA A 236 -18.45 11.21 13.33
C ALA A 236 -19.42 11.98 12.43
N LEU A 237 -20.72 11.90 12.70
CA LEU A 237 -21.79 12.53 11.85
C LEU A 237 -21.48 14.00 11.58
N THR A 238 -20.89 14.73 12.53
CA THR A 238 -20.70 16.21 12.41
C THR A 238 -19.27 16.58 11.98
N ASP A 239 -18.42 15.63 11.58
CA ASP A 239 -17.01 15.94 11.34
C ASP A 239 -16.78 16.56 9.95
N GLY A 240 -17.78 16.52 9.07
CA GLY A 240 -17.68 17.02 7.68
C GLY A 240 -18.71 18.11 7.37
N SER A 241 -19.25 18.11 6.15
CA SER A 241 -20.12 19.22 5.65
CA SER A 241 -20.11 19.22 5.64
C SER A 241 -21.40 19.32 6.47
N LEU A 242 -22.02 18.20 6.78
CA LEU A 242 -23.25 18.24 7.61
C LEU A 242 -22.90 18.92 8.94
N GLY A 243 -21.75 18.63 9.52
CA GLY A 243 -21.31 19.33 10.73
C GLY A 243 -21.17 20.82 10.51
N ASP A 244 -20.57 21.25 9.41
CA ASP A 244 -20.42 22.71 9.08
C ASP A 244 -21.80 23.35 9.16
N MET A 245 -22.82 22.67 8.63
CA MET A 245 -24.19 23.22 8.55
C MET A 245 -24.87 23.22 9.92
N ILE A 246 -24.70 22.16 10.70
CA ILE A 246 -25.24 22.11 12.09
C ILE A 246 -24.57 23.22 12.92
N PHE A 247 -23.28 23.41 12.73
CA PHE A 247 -22.52 24.47 13.44
C PHE A 247 -23.10 25.85 13.08
N PHE A 248 -23.22 26.15 11.79
CA PHE A 248 -23.78 27.41 11.27
C PHE A 248 -25.20 27.62 11.85
N HIS A 249 -26.03 26.59 11.79
CA HIS A 249 -27.42 26.61 12.31
C HIS A 249 -27.43 26.96 13.81
N SER A 250 -26.44 26.47 14.57
CA SER A 250 -26.42 26.62 16.05
C SER A 250 -26.28 28.10 16.46
N TYR A 251 -25.78 28.99 15.58
CA TYR A 251 -25.66 30.43 15.96
C TYR A 251 -27.03 31.11 15.90
N LYS A 252 -27.87 30.81 14.93
CA LYS A 252 -29.25 31.36 14.84
C LYS A 252 -30.17 30.59 15.80
N ASN A 253 -29.90 29.30 16.06
CA ASN A 253 -30.88 28.44 16.79
C ASN A 253 -30.11 27.51 17.73
N PRO A 254 -29.55 28.05 18.84
CA PRO A 254 -28.62 27.28 19.67
C PRO A 254 -29.29 26.17 20.50
N GLY A 255 -28.47 25.19 20.90
CA GLY A 255 -28.77 24.23 21.97
C GLY A 255 -29.07 22.82 21.47
N LEU A 256 -28.95 22.51 20.17
CA LEU A 256 -29.11 21.10 19.72
C LEU A 256 -28.07 20.26 20.46
N VAL A 257 -28.52 19.17 21.08
CA VAL A 257 -27.66 18.18 21.73
C VAL A 257 -27.74 16.89 20.92
N LEU A 258 -26.57 16.33 20.59
CA LEU A 258 -26.49 14.97 20.02
C LEU A 258 -25.66 14.13 20.99
N ASP A 259 -26.34 13.23 21.68
CA ASP A 259 -25.72 12.35 22.69
C ASP A 259 -25.20 11.09 22.02
N ILE A 260 -23.93 10.75 22.22
CA ILE A 260 -23.36 9.48 21.70
C ILE A 260 -23.57 8.33 22.70
N VAL A 261 -23.80 8.61 23.98
CA VAL A 261 -23.87 7.49 24.97
C VAL A 261 -25.16 6.68 24.75
N GLU A 262 -26.28 7.31 24.49
CA GLU A 262 -27.53 6.53 24.20
C GLU A 262 -27.28 5.67 22.92
N ASP A 263 -26.57 6.19 21.91
CA ASP A 263 -26.28 5.37 20.69
C ASP A 263 -25.32 4.23 21.05
N LEU A 264 -24.37 4.48 21.95
CA LEU A 264 -23.47 3.42 22.47
C LEU A 264 -24.32 2.25 23.01
N ARG A 265 -25.37 2.56 23.77
CA ARG A 265 -26.26 1.50 24.34
C ARG A 265 -27.07 0.85 23.19
N LEU A 266 -27.60 1.63 22.27
CA LEU A 266 -28.44 1.07 21.16
C LEU A 266 -27.62 0.14 20.27
N ILE A 267 -26.40 0.50 19.87
CA ILE A 267 -25.60 -0.38 18.98
C ILE A 267 -25.24 -1.65 19.75
N ASN A 268 -24.87 -1.52 21.03
CA ASN A 268 -24.55 -2.71 21.85
C ASN A 268 -25.76 -3.64 21.98
N THR A 269 -26.95 -3.11 22.17
CA THR A 269 -28.18 -3.91 22.31
C THR A 269 -28.38 -4.78 21.06
N GLN A 270 -28.02 -4.24 19.87
CA GLN A 270 -28.19 -4.99 18.60
C GLN A 270 -27.27 -6.19 18.66
N ALA A 271 -26.07 -6.04 19.20
CA ALA A 271 -25.06 -7.11 19.22
C ALA A 271 -25.36 -8.11 20.36
N ILE A 272 -25.83 -7.63 21.50
CA ILE A 272 -25.98 -8.47 22.73
C ILE A 272 -27.19 -9.38 22.55
N PHE A 273 -28.29 -8.89 22.02
CA PHE A 273 -29.56 -9.64 21.85
C PHE A 273 -29.58 -10.42 20.51
N ALA A 274 -28.52 -10.37 19.72
CA ALA A 274 -28.43 -11.16 18.48
C ALA A 274 -28.39 -12.64 18.83
N LYS A 275 -29.10 -13.48 18.07
CA LYS A 275 -28.88 -14.96 18.12
C LYS A 275 -27.46 -15.29 17.65
N CYS A 276 -27.05 -14.63 16.56
CA CYS A 276 -25.78 -14.83 15.83
C CYS A 276 -25.42 -13.46 15.22
N THR A 277 -24.15 -13.17 15.03
CA THR A 277 -23.69 -11.86 14.53
C THR A 277 -22.86 -12.07 13.26
N GLY A 278 -23.18 -11.30 12.23
CA GLY A 278 -22.33 -11.19 11.04
C GLY A 278 -21.87 -9.77 10.84
N MET A 279 -20.67 -9.61 10.28
CA MET A 279 -20.11 -8.28 9.97
C MET A 279 -19.62 -8.26 8.52
N ILE A 280 -20.04 -7.25 7.80
CA ILE A 280 -19.52 -6.93 6.45
C ILE A 280 -19.01 -5.49 6.52
N ILE A 281 -17.71 -5.31 6.48
CA ILE A 281 -17.08 -4.00 6.76
C ILE A 281 -16.27 -3.60 5.51
N LEU A 282 -16.62 -2.45 4.95
CA LEU A 282 -16.05 -1.94 3.69
C LEU A 282 -15.25 -0.67 3.94
N GLY A 283 -14.11 -0.59 3.24
CA GLY A 283 -13.42 0.67 2.95
C GLY A 283 -12.40 0.98 4.01
N GLY A 284 -12.46 0.32 5.16
CA GLY A 284 -11.50 0.58 6.25
C GLY A 284 -12.04 -0.03 7.52
N GLY A 285 -11.39 0.25 8.66
CA GLY A 285 -11.74 -0.40 9.94
C GLY A 285 -12.87 0.32 10.65
N VAL A 286 -14.02 0.41 10.01
CA VAL A 286 -15.19 1.19 10.52
C VAL A 286 -15.60 0.59 11.88
N VAL A 287 -15.49 -0.73 11.96
CA VAL A 287 -15.75 -1.55 13.17
C VAL A 287 -14.60 -2.53 13.25
N LYS A 288 -13.81 -2.50 14.33
CA LYS A 288 -12.72 -3.49 14.58
C LYS A 288 -13.38 -4.84 14.86
N HIS A 289 -12.74 -5.90 14.40
CA HIS A 289 -13.32 -7.26 14.38
C HIS A 289 -13.60 -7.81 15.80
N HIS A 290 -12.73 -7.54 16.77
CA HIS A 290 -12.84 -8.08 18.15
C HIS A 290 -14.01 -7.42 18.90
N ILE A 291 -15.16 -8.07 18.97
CA ILE A 291 -16.32 -7.56 19.75
C ILE A 291 -16.65 -8.51 20.93
N ALA A 292 -16.14 -9.73 20.95
CA ALA A 292 -16.48 -10.73 22.00
C ALA A 292 -16.17 -10.10 23.36
N ASN A 293 -17.14 -10.10 24.27
CA ASN A 293 -16.96 -9.51 25.62
C ASN A 293 -17.87 -10.25 26.59
N ALA A 294 -17.30 -11.13 27.40
CA ALA A 294 -18.05 -12.01 28.33
C ALA A 294 -18.84 -11.16 29.33
N ASN A 295 -18.22 -10.12 29.89
CA ASN A 295 -18.86 -9.25 30.91
C ASN A 295 -20.08 -8.56 30.32
N LEU A 296 -20.07 -8.23 29.01
CA LEU A 296 -21.22 -7.52 28.39
C LEU A 296 -22.21 -8.53 27.80
N MET A 297 -21.94 -9.84 27.87
CA MET A 297 -22.76 -10.89 27.21
C MET A 297 -22.79 -10.64 25.69
N ARG A 298 -21.68 -10.18 25.13
CA ARG A 298 -21.60 -9.78 23.70
C ARG A 298 -20.78 -10.85 22.97
N ASN A 299 -21.44 -11.69 22.19
CA ASN A 299 -20.76 -12.73 21.36
C ASN A 299 -19.86 -12.06 20.32
N GLY A 300 -18.74 -12.69 20.04
CA GLY A 300 -17.95 -12.46 18.82
C GLY A 300 -18.84 -12.70 17.61
N ALA A 301 -18.50 -12.11 16.47
CA ALA A 301 -19.15 -12.41 15.18
C ALA A 301 -18.86 -13.87 14.83
N ASP A 302 -19.88 -14.62 14.39
CA ASP A 302 -19.68 -15.96 13.79
C ASP A 302 -19.13 -15.82 12.37
N TYR A 303 -19.40 -14.69 11.72
CA TYR A 303 -18.96 -14.46 10.30
C TYR A 303 -18.51 -13.00 10.16
N ALA A 304 -17.39 -12.78 9.51
CA ALA A 304 -16.84 -11.42 9.34
C ALA A 304 -16.11 -11.36 7.99
N VAL A 305 -16.48 -10.37 7.20
CA VAL A 305 -15.80 -10.06 5.90
C VAL A 305 -15.39 -8.59 5.89
N TYR A 306 -14.13 -8.36 5.57
CA TYR A 306 -13.52 -7.04 5.44
C TYR A 306 -13.05 -6.89 3.99
N ILE A 307 -13.45 -5.79 3.35
CA ILE A 307 -12.94 -5.41 1.99
C ILE A 307 -12.37 -4.02 2.07
N ASN A 308 -11.06 -3.92 1.94
CA ASN A 308 -10.38 -2.59 1.97
C ASN A 308 -8.96 -2.75 1.42
N THR A 309 -8.28 -1.62 1.23
CA THR A 309 -6.86 -1.58 0.78
C THR A 309 -5.94 -1.10 1.91
N ALA A 310 -6.34 -1.18 3.17
CA ALA A 310 -5.47 -0.83 4.33
C ALA A 310 -4.40 -1.92 4.54
N GLN A 311 -3.22 -1.52 5.02
CA GLN A 311 -2.09 -2.45 5.40
C GLN A 311 -2.05 -2.61 6.93
N GLU A 312 -1.47 -3.72 7.39
CA GLU A 312 -1.29 -4.04 8.85
C GLU A 312 0.03 -3.46 9.39
N PHE A 313 0.96 -3.03 8.51
CA PHE A 313 2.40 -2.86 8.84
C PHE A 313 2.66 -1.59 9.68
N ASP A 314 1.86 -0.52 9.51
CA ASP A 314 1.95 0.72 10.33
C ASP A 314 0.93 0.69 11.49
N GLY A 315 0.28 -0.47 11.74
CA GLY A 315 -0.63 -0.71 12.89
C GLY A 315 -2.07 -0.29 12.62
N SER A 316 -2.45 -0.09 11.34
CA SER A 316 -3.85 0.15 10.88
C SER A 316 -4.50 -1.19 10.56
N ILE A 331 -19.67 -17.10 25.97
CA ILE A 331 -19.81 -16.27 24.72
C ILE A 331 -19.04 -16.93 23.58
N ARG A 332 -19.55 -16.80 22.37
CA ARG A 332 -18.86 -17.26 21.13
C ARG A 332 -17.64 -16.36 20.92
N VAL A 333 -16.51 -16.95 20.53
CA VAL A 333 -15.27 -16.20 20.21
C VAL A 333 -15.50 -15.41 18.91
N ASP A 334 -14.59 -14.46 18.69
CA ASP A 334 -14.44 -13.74 17.40
C ASP A 334 -14.01 -14.76 16.34
N ALA A 335 -14.84 -15.05 15.33
CA ALA A 335 -14.44 -15.98 14.23
C ALA A 335 -13.24 -15.36 13.48
N GLN A 336 -12.42 -16.15 12.82
CA GLN A 336 -11.35 -15.61 11.94
C GLN A 336 -12.03 -14.85 10.79
N PRO A 337 -11.76 -13.55 10.62
CA PRO A 337 -12.40 -12.80 9.55
C PRO A 337 -11.79 -13.18 8.19
N VAL A 338 -12.55 -13.05 7.11
CA VAL A 338 -11.98 -13.04 5.73
C VAL A 338 -11.71 -11.59 5.36
N LYS A 339 -10.50 -11.32 4.92
CA LYS A 339 -10.14 -10.01 4.38
C LYS A 339 -9.84 -10.14 2.88
N VAL A 340 -10.53 -9.34 2.08
CA VAL A 340 -10.20 -9.18 0.65
C VAL A 340 -9.46 -7.84 0.53
N TYR A 341 -8.20 -7.88 0.12
CA TYR A 341 -7.40 -6.65 -0.09
CA TYR A 341 -7.40 -6.65 -0.09
C TYR A 341 -7.73 -6.10 -1.48
N ALA A 342 -8.70 -5.20 -1.56
CA ALA A 342 -9.22 -4.70 -2.85
C ALA A 342 -10.09 -3.48 -2.61
N ASP A 343 -10.17 -2.63 -3.64
CA ASP A 343 -11.15 -1.53 -3.71
C ASP A 343 -12.55 -2.15 -3.65
N ALA A 344 -13.36 -1.83 -2.64
CA ALA A 344 -14.74 -2.35 -2.51
C ALA A 344 -15.60 -1.90 -3.72
N SER A 345 -15.27 -0.84 -4.44
CA SER A 345 -16.04 -0.40 -5.63
C SER A 345 -16.04 -1.50 -6.70
N LEU A 346 -14.98 -2.30 -6.79
CA LEU A 346 -14.88 -3.47 -7.68
C LEU A 346 -15.52 -4.71 -7.04
N VAL A 347 -15.22 -4.95 -5.79
CA VAL A 347 -15.46 -6.29 -5.19
C VAL A 347 -16.89 -6.37 -4.64
N PHE A 348 -17.40 -5.30 -4.06
CA PHE A 348 -18.68 -5.42 -3.32
C PHE A 348 -19.82 -5.79 -4.26
N PRO A 349 -19.95 -5.22 -5.47
CA PRO A 349 -21.06 -5.62 -6.36
C PRO A 349 -20.97 -7.10 -6.74
N LEU A 350 -19.75 -7.61 -6.97
CA LEU A 350 -19.54 -9.02 -7.30
C LEU A 350 -19.99 -9.88 -6.10
N LEU A 351 -19.61 -9.48 -4.89
CA LEU A 351 -19.98 -10.24 -3.66
C LEU A 351 -21.50 -10.28 -3.54
N VAL A 352 -22.16 -9.15 -3.71
CA VAL A 352 -23.63 -9.07 -3.57
C VAL A 352 -24.30 -9.92 -4.68
N ALA A 353 -23.78 -9.91 -5.91
CA ALA A 353 -24.33 -10.70 -7.04
C ALA A 353 -24.33 -12.20 -6.69
N GLU A 354 -23.30 -12.67 -5.98
CA GLU A 354 -23.11 -14.11 -5.70
C GLU A 354 -23.75 -14.51 -4.36
N THR A 355 -24.31 -13.56 -3.60
CA THR A 355 -24.81 -13.84 -2.23
C THR A 355 -26.23 -13.32 -2.09
N PHE A 356 -26.38 -12.10 -1.58
CA PHE A 356 -27.71 -11.53 -1.29
C PHE A 356 -28.63 -11.59 -2.54
N ALA A 357 -28.13 -11.17 -3.71
CA ALA A 357 -28.99 -11.07 -4.92
C ALA A 357 -29.47 -12.48 -5.35
N GLN A 358 -28.78 -13.56 -4.97
CA GLN A 358 -29.21 -14.96 -5.24
C GLN A 358 -30.40 -15.36 -4.36
N LYS A 359 -30.69 -14.62 -3.28
CA LYS A 359 -31.74 -14.99 -2.30
C LYS A 359 -32.79 -13.89 -2.23
N MET A 360 -32.89 -13.09 -3.28
CA MET A 360 -33.86 -11.99 -3.39
C MET A 360 -35.29 -12.47 -3.05
N ASP A 361 -35.69 -13.63 -3.58
CA ASP A 361 -37.07 -14.19 -3.41
C ASP A 361 -37.38 -14.33 -1.91
N ALA A 362 -36.44 -14.87 -1.12
CA ALA A 362 -36.57 -15.08 0.35
C ALA A 362 -36.72 -13.74 1.10
N PHE A 363 -36.22 -12.63 0.56
CA PHE A 363 -36.36 -11.32 1.24
C PHE A 363 -37.56 -10.55 0.66
N MET A 364 -38.23 -11.06 -0.37
CA MET A 364 -39.52 -10.50 -0.87
C MET A 364 -40.68 -11.35 -0.31
N SER B 29 16.51 25.15 -10.48
CA SER B 29 16.02 23.78 -10.16
C SER B 29 17.04 23.04 -9.29
N THR B 30 16.57 22.27 -8.30
CA THR B 30 17.43 21.64 -7.26
C THR B 30 17.91 20.29 -7.80
N GLN B 31 19.21 20.05 -7.70
CA GLN B 31 19.83 18.78 -8.14
C GLN B 31 19.59 17.71 -7.08
N VAL B 32 19.36 16.49 -7.55
CA VAL B 32 19.33 15.29 -6.69
C VAL B 32 20.75 14.96 -6.26
N ARG B 33 20.92 14.84 -4.94
CA ARG B 33 22.24 14.54 -4.35
C ARG B 33 21.98 14.02 -2.93
N GLY B 34 22.48 12.83 -2.63
CA GLY B 34 22.34 12.27 -1.29
C GLY B 34 23.44 12.77 -0.37
N TYR B 35 23.27 12.51 0.92
CA TYR B 35 24.33 12.81 1.93
C TYR B 35 25.54 11.94 1.62
N ASP B 36 26.71 12.56 1.70
CA ASP B 36 28.01 11.89 1.45
C ASP B 36 28.60 11.46 2.79
N PHE B 37 28.64 10.16 3.04
CA PHE B 37 29.15 9.64 4.33
C PHE B 37 30.68 9.78 4.40
N ASN B 38 31.34 10.20 3.31
CA ASN B 38 32.79 10.54 3.41
C ASN B 38 32.95 11.76 4.31
N ARG B 39 31.89 12.51 4.57
CA ARG B 39 31.90 13.64 5.54
C ARG B 39 31.88 13.12 7.00
N GLY B 40 31.76 11.82 7.21
CA GLY B 40 31.41 11.25 8.52
C GLY B 40 29.93 11.38 8.78
N VAL B 41 29.50 11.44 10.03
CA VAL B 41 28.05 11.50 10.37
C VAL B 41 27.76 12.79 11.12
N ASN B 42 27.26 13.77 10.40
CA ASN B 42 26.63 14.98 10.95
C ASN B 42 25.13 14.80 10.76
N TYR B 43 24.41 14.54 11.82
CA TYR B 43 22.97 14.19 11.76
C TYR B 43 22.18 15.36 11.18
N ARG B 44 22.53 16.59 11.49
CA ARG B 44 21.81 17.76 10.94
C ARG B 44 21.98 17.78 9.41
N ALA B 45 23.20 17.57 8.93
CA ALA B 45 23.48 17.58 7.48
C ALA B 45 22.77 16.37 6.82
N LEU B 46 22.77 15.21 7.49
N LEU B 46 22.76 15.22 7.48
CA LEU B 46 22.14 13.96 6.98
CA LEU B 46 22.14 13.97 6.97
C LEU B 46 20.63 14.20 6.81
C LEU B 46 20.63 14.20 6.81
N LEU B 47 20.00 14.79 7.82
CA LEU B 47 18.56 15.07 7.80
C LEU B 47 18.24 16.16 6.76
N GLU B 48 19.07 17.18 6.63
CA GLU B 48 18.83 18.21 5.58
C GLU B 48 18.97 17.57 4.19
N ALA B 49 19.90 16.65 4.00
CA ALA B 49 20.13 15.99 2.69
C ALA B 49 18.92 15.16 2.24
N PHE B 50 18.00 14.79 3.15
CA PHE B 50 16.74 14.14 2.70
C PHE B 50 16.04 15.01 1.65
N GLY B 51 16.09 16.34 1.80
CA GLY B 51 15.41 17.29 0.91
C GLY B 51 15.84 17.10 -0.55
N THR B 52 17.10 16.70 -0.81
CA THR B 52 17.63 16.56 -2.19
C THR B 52 17.81 15.08 -2.54
N THR B 53 17.29 14.17 -1.71
CA THR B 53 17.48 12.71 -1.94
C THR B 53 16.38 12.21 -2.88
N GLY B 54 15.20 12.80 -2.88
CA GLY B 54 14.10 12.35 -3.75
C GLY B 54 13.10 11.47 -3.06
N PHE B 55 12.01 11.21 -3.77
CA PHE B 55 10.89 10.34 -3.31
C PHE B 55 10.46 10.81 -1.91
N GLN B 56 10.16 9.91 -0.97
CA GLN B 56 9.57 10.39 0.30
C GLN B 56 10.65 11.11 1.15
N ALA B 57 11.95 10.89 0.92
CA ALA B 57 13.00 11.69 1.60
C ALA B 57 12.76 13.17 1.31
N THR B 58 12.49 13.52 0.03
CA THR B 58 12.23 14.92 -0.36
C THR B 58 10.98 15.41 0.36
N ASN B 59 9.92 14.60 0.41
CA ASN B 59 8.68 15.01 1.09
C ASN B 59 8.98 15.26 2.56
N PHE B 60 9.83 14.43 3.18
CA PHE B 60 10.24 14.67 4.58
C PHE B 60 10.89 16.04 4.71
N GLY B 61 11.83 16.37 3.81
CA GLY B 61 12.49 17.69 3.85
C GLY B 61 11.48 18.81 3.70
N ARG B 62 10.50 18.65 2.83
CA ARG B 62 9.44 19.68 2.62
CA ARG B 62 9.44 19.68 2.61
C ARG B 62 8.57 19.78 3.88
N ALA B 63 8.32 18.66 4.56
CA ALA B 63 7.51 18.66 5.80
C ALA B 63 8.26 19.43 6.89
N VAL B 64 9.56 19.23 7.02
CA VAL B 64 10.42 19.99 7.97
C VAL B 64 10.27 21.50 7.67
N GLN B 65 10.37 21.91 6.40
CA GLN B 65 10.27 23.32 5.98
C GLN B 65 8.90 23.88 6.37
N GLN B 66 7.81 23.16 6.07
CA GLN B 66 6.44 23.60 6.37
C GLN B 66 6.25 23.73 7.88
N VAL B 67 6.70 22.76 8.66
CA VAL B 67 6.49 22.84 10.14
C VAL B 67 7.35 23.99 10.71
N ASN B 68 8.57 24.17 10.23
CA ASN B 68 9.40 25.32 10.70
C ASN B 68 8.72 26.66 10.35
N ALA B 69 8.06 26.73 9.20
CA ALA B 69 7.31 27.93 8.77
C ALA B 69 6.13 28.13 9.74
N MET B 70 5.45 27.04 10.13
CA MET B 70 4.32 27.08 11.10
C MET B 70 4.81 27.67 12.40
N ILE B 71 5.93 27.14 12.89
CA ILE B 71 6.49 27.50 14.21
C ILE B 71 6.89 28.98 14.16
N GLU B 72 7.56 29.41 13.09
CA GLU B 72 8.02 30.82 12.97
C GLU B 72 6.80 31.74 12.96
N LYS B 73 5.73 31.33 12.29
CA LYS B 73 4.48 32.12 12.27
C LYS B 73 3.92 32.18 13.69
N LYS B 74 3.82 31.03 14.38
CA LYS B 74 3.28 30.97 15.74
C LYS B 74 4.03 31.96 16.65
N LEU B 75 5.33 32.06 16.49
CA LEU B 75 6.18 32.85 17.43
C LEU B 75 6.15 34.35 17.06
N GLU B 76 5.54 34.75 15.93
CA GLU B 76 5.33 36.20 15.63
C GLU B 76 4.44 36.82 16.70
N PRO B 77 4.87 37.97 17.29
CA PRO B 77 4.08 38.63 18.33
C PRO B 77 2.72 39.03 17.75
N LEU B 78 1.67 38.92 18.55
CA LEU B 78 0.28 39.19 18.14
C LEU B 78 -0.06 40.64 18.49
N SER B 79 -0.83 41.31 17.63
CA SER B 79 -1.16 42.76 17.65
C SER B 79 -1.63 43.22 19.04
N GLN B 80 -1.35 44.47 19.41
CA GLN B 80 -1.56 45.01 20.78
C GLN B 80 -3.06 44.98 21.12
N ASP B 81 -3.38 44.62 22.37
CA ASP B 81 -4.76 44.42 22.90
C ASP B 81 -5.62 43.69 21.86
N GLU B 82 -5.11 42.61 21.26
CA GLU B 82 -5.78 41.84 20.18
C GLU B 82 -7.10 41.30 20.74
N ASP B 83 -8.20 41.46 19.98
CA ASP B 83 -9.50 40.81 20.30
C ASP B 83 -9.24 39.30 20.41
N GLN B 84 -9.39 38.78 21.63
CA GLN B 84 -9.16 37.35 21.95
C GLN B 84 -10.31 36.53 21.40
N HIS B 85 -11.53 37.07 21.46
CA HIS B 85 -12.82 36.37 21.24
C HIS B 85 -12.82 35.14 22.16
N ALA B 86 -12.43 35.34 23.43
CA ALA B 86 -12.60 34.37 24.55
C ALA B 86 -14.10 34.06 24.76
N ASP B 87 -14.97 35.05 24.53
CA ASP B 87 -16.45 34.93 24.59
C ASP B 87 -16.98 34.13 23.38
N LEU B 88 -16.29 34.20 22.24
CA LEU B 88 -16.68 33.52 20.97
C LEU B 88 -16.17 32.08 20.95
N THR B 89 -14.93 31.85 21.44
CA THR B 89 -14.24 30.54 21.50
C THR B 89 -14.68 29.74 22.75
N GLN B 90 -15.15 30.43 23.80
CA GLN B 90 -15.42 29.82 25.13
C GLN B 90 -14.20 29.02 25.58
N SER B 91 -13.01 29.56 25.34
CA SER B 91 -11.72 28.92 25.68
C SER B 91 -10.86 29.86 26.54
N ARG B 92 -10.13 29.30 27.51
CA ARG B 92 -9.15 30.02 28.36
C ARG B 92 -7.78 30.06 27.65
N ARG B 93 -7.61 29.39 26.50
CA ARG B 93 -6.30 29.36 25.81
C ARG B 93 -6.09 30.65 25.04
N PRO B 94 -4.99 31.39 25.30
CA PRO B 94 -4.70 32.61 24.54
C PRO B 94 -4.35 32.31 23.08
N LEU B 95 -4.85 33.17 22.20
CA LEU B 95 -4.52 33.17 20.76
C LEU B 95 -3.03 33.40 20.58
N THR B 96 -2.42 32.73 19.60
CA THR B 96 -1.06 32.99 19.10
C THR B 96 -1.23 33.35 17.64
N SER B 97 -0.13 33.64 16.95
CA SER B 97 -0.15 34.00 15.52
C SER B 97 -0.35 32.76 14.63
N CYS B 98 -0.27 31.54 15.17
CA CYS B 98 -0.61 30.32 14.37
C CYS B 98 -1.14 29.22 15.29
N THR B 99 -2.40 28.84 15.06
CA THR B 99 -3.09 27.78 15.81
C THR B 99 -2.79 26.45 15.11
N ILE B 100 -2.08 25.56 15.81
CA ILE B 100 -1.63 24.28 15.24
C ILE B 100 -2.54 23.14 15.75
N PHE B 101 -3.16 22.45 14.81
CA PHE B 101 -4.01 21.26 15.07
C PHE B 101 -3.12 20.03 14.89
N LEU B 102 -3.00 19.21 15.90
CA LEU B 102 -2.25 17.94 15.82
C LEU B 102 -3.26 16.78 15.89
N GLY B 103 -3.41 16.07 14.79
CA GLY B 103 -4.31 14.89 14.71
C GLY B 103 -3.48 13.63 14.62
N TYR B 104 -3.94 12.56 15.23
CA TYR B 104 -3.23 11.27 15.24
C TYR B 104 -4.22 10.13 15.52
N THR B 105 -3.95 9.00 14.92
CA THR B 105 -4.67 7.73 15.10
C THR B 105 -4.25 7.11 16.43
N SER B 106 -5.17 6.35 17.03
CA SER B 106 -4.97 5.66 18.32
CA SER B 106 -4.99 5.65 18.32
C SER B 106 -3.74 4.77 18.28
N ASN B 107 -3.46 4.11 17.16
CA ASN B 107 -2.31 3.18 17.08
C ASN B 107 -1.02 3.94 17.46
N LEU B 108 -0.93 5.24 17.13
CA LEU B 108 0.30 5.99 17.43
C LEU B 108 0.42 6.23 18.95
N ILE B 109 -0.70 6.29 19.68
CA ILE B 109 -0.66 6.38 21.17
C ILE B 109 -0.18 5.05 21.77
N SER B 110 -0.50 3.90 21.15
CA SER B 110 0.01 2.57 21.60
C SER B 110 1.51 2.49 21.35
N SER B 111 2.00 3.09 20.26
CA SER B 111 3.44 3.16 19.95
C SER B 111 4.15 4.14 20.89
N GLY B 112 5.49 4.21 20.76
CA GLY B 112 6.37 5.18 21.43
C GLY B 112 6.12 6.61 20.97
N ILE B 113 5.36 6.83 19.89
CA ILE B 113 5.02 8.20 19.42
C ILE B 113 4.18 8.90 20.49
N ARG B 114 3.55 8.13 21.39
CA ARG B 114 2.92 8.69 22.61
C ARG B 114 3.90 9.68 23.30
N GLU B 115 5.18 9.31 23.44
CA GLU B 115 6.19 10.20 24.10
C GLU B 115 6.40 11.46 23.28
N THR B 116 6.42 11.35 21.96
CA THR B 116 6.66 12.48 21.06
C THR B 116 5.51 13.46 21.19
N ILE B 117 4.29 12.94 21.16
CA ILE B 117 3.07 13.78 21.27
C ILE B 117 3.05 14.42 22.66
N ARG B 118 3.33 13.66 23.71
CA ARG B 118 3.29 14.17 25.10
C ARG B 118 4.26 15.36 25.20
N TYR B 119 5.45 15.23 24.62
CA TYR B 119 6.46 16.35 24.63
C TYR B 119 5.85 17.61 24.04
N LEU B 120 5.22 17.52 22.86
CA LEU B 120 4.68 18.72 22.18
C LEU B 120 3.60 19.35 23.04
N VAL B 121 2.75 18.52 23.62
CA VAL B 121 1.62 19.02 24.45
C VAL B 121 2.16 19.66 25.77
N GLN B 122 3.11 19.00 26.39
CA GLN B 122 3.78 19.45 27.63
C GLN B 122 4.32 20.87 27.45
N HIS B 123 4.89 21.20 26.30
CA HIS B 123 5.57 22.50 26.08
C HIS B 123 4.66 23.46 25.30
N ASN B 124 3.35 23.19 25.20
CA ASN B 124 2.41 24.14 24.55
C ASN B 124 2.80 24.41 23.11
N MET B 125 3.33 23.43 22.41
CA MET B 125 3.80 23.63 21.03
C MET B 125 2.67 23.48 20.02
N VAL B 126 1.56 22.84 20.43
CA VAL B 126 0.36 22.70 19.58
C VAL B 126 -0.83 23.21 20.37
N ASP B 127 -1.94 23.48 19.71
CA ASP B 127 -3.09 24.20 20.30
C ASP B 127 -4.32 23.30 20.44
N VAL B 128 -4.46 22.29 19.58
CA VAL B 128 -5.68 21.43 19.53
C VAL B 128 -5.22 20.02 19.17
N LEU B 129 -5.77 19.01 19.85
CA LEU B 129 -5.53 17.59 19.52
C LEU B 129 -6.82 17.00 18.96
N VAL B 130 -6.67 16.11 17.98
CA VAL B 130 -7.80 15.32 17.43
C VAL B 130 -7.34 13.87 17.35
N THR B 131 -8.13 12.93 17.87
CA THR B 131 -7.73 11.52 17.79
C THR B 131 -8.95 10.64 17.45
N THR B 132 -8.69 9.36 17.35
CA THR B 132 -9.65 8.31 16.90
C THR B 132 -9.91 7.36 18.05
N ALA B 133 -10.81 6.39 17.86
CA ALA B 133 -11.23 5.44 18.91
C ALA B 133 -10.00 4.75 19.50
N GLY B 134 -9.89 4.73 20.83
CA GLY B 134 -8.76 4.11 21.56
C GLY B 134 -7.69 5.14 21.91
N GLY B 135 -7.65 6.29 21.24
CA GLY B 135 -6.53 7.25 21.33
C GLY B 135 -6.40 7.91 22.70
N VAL B 136 -7.45 7.88 23.49
CA VAL B 136 -7.47 8.47 24.87
C VAL B 136 -7.05 7.38 25.84
N GLU B 137 -7.76 6.25 25.87
CA GLU B 137 -7.54 5.23 26.92
C GLU B 137 -6.16 4.59 26.75
N GLU B 138 -5.61 4.45 25.54
CA GLU B 138 -4.28 3.78 25.41
C GLU B 138 -3.22 4.66 26.09
N ASP B 139 -3.40 5.97 26.17
CA ASP B 139 -2.44 6.85 26.89
C ASP B 139 -2.59 6.64 28.41
N LEU B 140 -3.83 6.58 28.90
CA LEU B 140 -4.14 6.52 30.33
C LEU B 140 -3.70 5.16 30.86
N ILE B 141 -3.99 4.11 30.12
CA ILE B 141 -3.62 2.72 30.52
C ILE B 141 -2.11 2.60 30.72
N LYS B 142 -1.31 3.27 29.88
CA LYS B 142 0.17 3.21 29.97
C LYS B 142 0.64 3.83 31.29
N CYS B 143 -0.17 4.65 31.94
CA CYS B 143 0.17 5.20 33.28
C CYS B 143 -0.07 4.14 34.37
N LEU B 144 -0.80 3.07 34.08
CA LEU B 144 -1.15 1.98 35.05
C LEU B 144 -0.29 0.75 34.82
N ALA B 145 0.06 0.47 33.57
CA ALA B 145 0.80 -0.74 33.19
C ALA B 145 1.36 -0.55 31.78
N PRO B 146 2.50 -1.18 31.46
CA PRO B 146 3.15 -0.98 30.16
C PRO B 146 2.53 -1.78 29.02
N THR B 147 2.74 -1.24 27.82
CA THR B 147 2.59 -1.93 26.53
C THR B 147 3.95 -2.55 26.18
N TYR B 148 3.94 -3.73 25.56
CA TYR B 148 5.17 -4.51 25.24
C TYR B 148 5.34 -4.67 23.74
N LEU B 149 6.59 -4.89 23.32
CA LEU B 149 6.90 -5.34 21.94
C LEU B 149 6.57 -6.83 21.83
N GLY B 150 5.85 -7.22 20.77
CA GLY B 150 5.68 -8.61 20.33
C GLY B 150 6.50 -8.85 19.08
N GLU B 151 5.86 -9.25 17.96
CA GLU B 151 6.51 -9.56 16.64
C GLU B 151 5.59 -9.19 15.47
N GLY B 163 -4.33 -13.92 27.30
CA GLY B 163 -5.07 -12.65 27.43
C GLY B 163 -4.21 -11.46 27.03
N ILE B 164 -4.07 -11.23 25.71
CA ILE B 164 -3.24 -10.16 25.10
C ILE B 164 -4.02 -9.48 23.96
N ASN B 165 -4.06 -8.15 23.94
CA ASN B 165 -4.58 -7.35 22.81
C ASN B 165 -3.37 -7.06 21.90
N ARG B 166 -3.38 -7.55 20.66
CA ARG B 166 -2.28 -7.32 19.68
C ARG B 166 -2.63 -6.10 18.84
N ILE B 167 -1.73 -5.12 18.79
CA ILE B 167 -1.85 -3.91 17.93
C ILE B 167 -0.57 -3.88 17.09
N GLY B 168 -0.66 -4.36 15.83
CA GLY B 168 0.51 -4.58 14.97
C GLY B 168 1.52 -5.46 15.68
N ASN B 169 2.72 -4.96 15.97
CA ASN B 169 3.77 -5.75 16.66
C ASN B 169 3.82 -5.40 18.14
N LEU B 170 2.77 -4.78 18.69
CA LEU B 170 2.65 -4.39 20.11
C LEU B 170 1.66 -5.32 20.82
N LEU B 171 1.83 -5.46 22.12
CA LEU B 171 1.01 -6.35 23.00
C LEU B 171 0.54 -5.54 24.19
N VAL B 172 -0.76 -5.49 24.41
CA VAL B 172 -1.35 -4.88 25.62
C VAL B 172 -2.02 -6.00 26.42
N PRO B 173 -1.42 -6.44 27.54
CA PRO B 173 -2.05 -7.47 28.39
C PRO B 173 -3.46 -7.05 28.77
N ASN B 174 -4.40 -8.01 28.73
CA ASN B 174 -5.83 -7.77 29.06
C ASN B 174 -5.94 -7.19 30.48
N GLU B 175 -5.02 -7.55 31.39
CA GLU B 175 -5.03 -7.06 32.79
C GLU B 175 -4.89 -5.52 32.79
N ASN B 176 -4.21 -4.93 31.81
CA ASN B 176 -4.06 -3.46 31.70
C ASN B 176 -5.45 -2.81 31.65
N TYR B 177 -6.37 -3.40 30.89
CA TYR B 177 -7.74 -2.89 30.71
C TYR B 177 -8.52 -3.06 32.02
N CYS B 178 -8.28 -4.15 32.76
CA CYS B 178 -8.95 -4.41 34.06
C CYS B 178 -8.53 -3.33 35.07
N LYS B 179 -7.25 -3.04 35.17
CA LYS B 179 -6.71 -1.98 36.04
C LYS B 179 -7.35 -0.64 35.65
N PHE B 180 -7.45 -0.38 34.36
CA PHE B 180 -8.04 0.89 33.88
C PHE B 180 -9.51 0.96 34.30
N GLU B 181 -10.25 -0.11 34.08
CA GLU B 181 -11.70 -0.12 34.43
C GLU B 181 -11.88 0.17 35.94
N ASP B 182 -11.08 -0.44 36.79
CA ASP B 182 -11.15 -0.21 38.28
C ASP B 182 -10.86 1.25 38.60
N TRP B 183 -9.89 1.87 37.90
CA TRP B 183 -9.53 3.30 38.10
C TRP B 183 -10.67 4.18 37.59
N LEU B 184 -11.30 3.80 36.45
CA LEU B 184 -12.25 4.69 35.74
C LEU B 184 -13.61 4.78 36.46
N MET B 185 -14.14 3.65 36.95
CA MET B 185 -15.57 3.58 37.42
C MET B 185 -15.87 4.69 38.43
N PRO B 186 -15.05 4.92 39.49
CA PRO B 186 -15.35 5.99 40.44
C PRO B 186 -15.35 7.37 39.79
N ILE B 187 -14.53 7.59 38.78
CA ILE B 187 -14.51 8.91 38.08
C ILE B 187 -15.84 9.07 37.32
N LEU B 188 -16.30 8.02 36.63
CA LEU B 188 -17.59 8.09 35.92
C LEU B 188 -18.71 8.40 36.91
N ASP B 189 -18.68 7.79 38.12
CA ASP B 189 -19.67 8.12 39.18
C ASP B 189 -19.67 9.61 39.46
N GLN B 190 -18.50 10.20 39.69
CA GLN B 190 -18.37 11.65 40.01
C GLN B 190 -18.89 12.45 38.82
N MET B 191 -18.56 12.03 37.59
CA MET B 191 -19.00 12.80 36.40
C MET B 191 -20.51 12.86 36.31
N VAL B 192 -21.19 11.73 36.57
CA VAL B 192 -22.68 11.72 36.49
C VAL B 192 -23.25 12.63 37.59
N MET B 193 -22.70 12.52 38.82
CA MET B 193 -23.20 13.34 39.94
C MET B 193 -23.01 14.84 39.65
N GLU B 194 -21.89 15.23 39.02
CA GLU B 194 -21.60 16.65 38.71
C GLU B 194 -22.58 17.21 37.69
N GLN B 195 -23.22 16.37 36.87
CA GLN B 195 -24.35 16.85 36.04
C GLN B 195 -25.45 17.41 36.94
N ASN B 196 -25.63 16.87 38.13
CA ASN B 196 -26.76 17.22 39.04
C ASN B 196 -26.29 18.34 39.97
N THR B 197 -25.09 18.18 40.54
CA THR B 197 -24.56 19.10 41.59
C THR B 197 -23.93 20.37 40.99
N GLU B 198 -23.40 20.33 39.77
CA GLU B 198 -22.63 21.47 39.22
C GLU B 198 -23.18 21.91 37.87
N GLY B 199 -24.29 21.34 37.35
CA GLY B 199 -24.82 21.67 36.00
C GLY B 199 -23.83 21.37 34.85
N VAL B 200 -22.92 20.41 35.03
CA VAL B 200 -21.91 20.11 33.97
C VAL B 200 -22.63 19.46 32.76
N LYS B 201 -22.34 19.96 31.57
CA LYS B 201 -22.82 19.40 30.28
C LYS B 201 -21.61 18.72 29.64
N TRP B 202 -21.43 17.43 29.84
CA TRP B 202 -20.22 16.72 29.36
C TRP B 202 -20.21 16.62 27.83
N THR B 203 -19.01 16.69 27.28
CA THR B 203 -18.66 16.44 25.86
C THR B 203 -17.42 15.56 25.88
N PRO B 204 -17.04 14.94 24.75
CA PRO B 204 -15.80 14.17 24.72
C PRO B 204 -14.61 15.03 25.20
N SER B 205 -14.46 16.26 24.74
CA SER B 205 -13.29 17.09 25.13
C SER B 205 -13.25 17.29 26.65
N LYS B 206 -14.39 17.59 27.25
CA LYS B 206 -14.47 17.85 28.72
C LYS B 206 -14.16 16.57 29.49
N MET B 207 -14.63 15.42 29.00
CA MET B 207 -14.34 14.13 29.64
C MET B 207 -12.85 13.84 29.54
N ILE B 208 -12.24 14.06 28.38
CA ILE B 208 -10.82 13.72 28.18
C ILE B 208 -9.96 14.61 29.12
N ALA B 209 -10.29 15.88 29.25
CA ALA B 209 -9.58 16.80 30.18
C ALA B 209 -9.72 16.29 31.62
N ARG B 210 -10.90 15.83 32.02
CA ARG B 210 -11.13 15.27 33.37
C ARG B 210 -10.26 14.04 33.55
N LEU B 211 -10.26 13.11 32.59
CA LEU B 211 -9.45 11.87 32.73
C LEU B 211 -7.96 12.24 32.84
N GLY B 212 -7.51 13.23 32.08
CA GLY B 212 -6.10 13.69 32.14
C GLY B 212 -5.78 14.28 33.52
N LYS B 213 -6.68 15.08 34.07
CA LYS B 213 -6.51 15.65 35.43
C LYS B 213 -6.44 14.50 36.45
N GLU B 214 -7.32 13.51 36.33
CA GLU B 214 -7.40 12.38 37.29
C GLU B 214 -6.15 11.52 37.19
N ILE B 215 -5.62 11.27 35.98
CA ILE B 215 -4.46 10.34 35.88
C ILE B 215 -3.25 10.99 36.59
N ASN B 216 -3.15 12.31 36.54
CA ASN B 216 -2.23 13.09 37.39
C ASN B 216 -0.81 12.53 37.24
N ASN B 217 -0.35 12.37 36.01
CA ASN B 217 0.91 11.64 35.71
C ASN B 217 1.56 12.34 34.53
N PRO B 218 2.79 12.87 34.71
CA PRO B 218 3.44 13.67 33.67
C PRO B 218 3.94 12.85 32.47
N GLU B 219 3.74 11.54 32.45
CA GLU B 219 3.96 10.71 31.23
C GLU B 219 2.74 10.75 30.30
N SER B 220 1.61 11.27 30.76
CA SER B 220 0.32 11.23 30.04
C SER B 220 0.19 12.44 29.11
N VAL B 221 -0.13 12.17 27.85
CA VAL B 221 -0.51 13.23 26.89
C VAL B 221 -1.64 14.05 27.51
N TYR B 222 -2.70 13.39 28.01
CA TYR B 222 -3.96 14.05 28.37
C TYR B 222 -3.79 14.82 29.69
N TYR B 223 -2.90 14.36 30.55
CA TYR B 223 -2.52 15.14 31.76
C TYR B 223 -2.01 16.52 31.31
N TRP B 224 -1.05 16.56 30.40
CA TRP B 224 -0.46 17.84 29.93
C TRP B 224 -1.46 18.66 29.14
N ALA B 225 -2.33 18.02 28.31
CA ALA B 225 -3.29 18.79 27.50
C ALA B 225 -4.19 19.58 28.45
N GLN B 226 -4.72 18.95 29.50
CA GLN B 226 -5.70 19.66 30.36
C GLN B 226 -4.91 20.71 31.19
N LYS B 227 -3.69 20.42 31.58
CA LYS B 227 -2.86 21.37 32.36
C LYS B 227 -2.61 22.62 31.52
N ASN B 228 -2.40 22.44 30.22
CA ASN B 228 -2.03 23.53 29.29
C ASN B 228 -3.23 24.09 28.54
N HIS B 229 -4.45 23.67 28.87
CA HIS B 229 -5.71 24.14 28.22
C HIS B 229 -5.66 23.85 26.70
N ILE B 230 -5.13 22.69 26.34
CA ILE B 230 -5.18 22.17 24.95
C ILE B 230 -6.38 21.21 24.89
N PRO B 231 -7.46 21.57 24.16
CA PRO B 231 -8.62 20.71 24.06
C PRO B 231 -8.30 19.50 23.18
N VAL B 232 -8.96 18.38 23.50
CA VAL B 232 -8.84 17.14 22.73
C VAL B 232 -10.22 16.79 22.19
N PHE B 233 -10.35 16.65 20.89
CA PHE B 233 -11.62 16.27 20.23
C PHE B 233 -11.56 14.83 19.76
N SER B 234 -12.63 14.08 20.04
CA SER B 234 -12.73 12.65 19.67
C SER B 234 -14.18 12.21 19.72
N PRO B 235 -14.98 12.44 18.67
CA PRO B 235 -16.36 11.93 18.62
C PRO B 235 -16.40 10.40 18.75
N ALA B 236 -15.36 9.72 18.32
CA ALA B 236 -15.21 8.24 18.37
C ALA B 236 -14.69 7.76 19.73
N LEU B 237 -14.67 8.62 20.75
CA LEU B 237 -14.17 8.32 22.12
C LEU B 237 -14.72 6.97 22.62
N THR B 238 -15.99 6.65 22.35
CA THR B 238 -16.70 5.49 22.94
C THR B 238 -16.75 4.27 21.99
N ASP B 239 -15.99 4.25 20.90
CA ASP B 239 -16.14 3.20 19.88
C ASP B 239 -15.32 1.96 20.25
N GLY B 240 -14.42 2.05 21.23
CA GLY B 240 -13.53 0.95 21.63
C GLY B 240 -13.69 0.58 23.11
N SER B 241 -12.61 0.25 23.78
CA SER B 241 -12.61 -0.32 25.17
CA SER B 241 -12.62 -0.33 25.16
C SER B 241 -13.20 0.67 26.16
N LEU B 242 -12.80 1.93 26.06
CA LEU B 242 -13.40 2.96 26.95
C LEU B 242 -14.89 2.97 26.76
N GLY B 243 -15.37 2.88 25.52
CA GLY B 243 -16.82 2.78 25.30
C GLY B 243 -17.44 1.56 25.99
N ASP B 244 -16.83 0.39 25.90
CA ASP B 244 -17.33 -0.83 26.58
C ASP B 244 -17.53 -0.53 28.07
N MET B 245 -16.59 0.20 28.67
CA MET B 245 -16.61 0.52 30.12
C MET B 245 -17.67 1.56 30.42
N ILE B 246 -17.81 2.59 29.59
CA ILE B 246 -18.88 3.61 29.78
C ILE B 246 -20.22 2.94 29.63
N PHE B 247 -20.36 2.02 28.67
CA PHE B 247 -21.63 1.32 28.41
C PHE B 247 -22.00 0.53 29.70
N PHE B 248 -21.06 -0.28 30.17
CA PHE B 248 -21.23 -1.14 31.35
C PHE B 248 -21.59 -0.29 32.56
N HIS B 249 -20.86 0.80 32.76
CA HIS B 249 -21.09 1.75 33.88
C HIS B 249 -22.51 2.31 33.79
N SER B 250 -23.03 2.58 32.58
CA SER B 250 -24.30 3.32 32.40
C SER B 250 -25.50 2.50 32.92
N TYR B 251 -25.38 1.19 33.02
CA TYR B 251 -26.46 0.38 33.66
C TYR B 251 -26.32 0.46 35.19
N LYS B 252 -25.11 0.55 35.74
CA LYS B 252 -24.88 0.64 37.22
C LYS B 252 -25.22 2.06 37.70
N ASN B 253 -25.05 3.05 36.84
CA ASN B 253 -25.21 4.47 37.16
C ASN B 253 -25.62 5.22 35.89
N PRO B 254 -26.92 5.18 35.58
CA PRO B 254 -27.42 5.87 34.37
C PRO B 254 -27.42 7.39 34.49
N GLY B 255 -27.36 8.07 33.34
CA GLY B 255 -27.45 9.53 33.26
C GLY B 255 -26.35 10.18 32.42
N LEU B 256 -25.18 9.57 32.23
CA LEU B 256 -24.07 10.29 31.53
C LEU B 256 -24.54 10.63 30.12
N VAL B 257 -24.45 11.89 29.73
CA VAL B 257 -24.66 12.37 28.34
C VAL B 257 -23.32 12.91 27.84
N LEU B 258 -22.90 12.53 26.63
CA LEU B 258 -21.72 13.14 25.95
C LEU B 258 -22.22 13.77 24.66
N ASP B 259 -22.29 15.08 24.67
CA ASP B 259 -22.77 15.91 23.56
C ASP B 259 -21.62 16.17 22.58
N ILE B 260 -21.84 15.92 21.28
CA ILE B 260 -20.81 16.23 20.25
C ILE B 260 -21.03 17.64 19.69
N VAL B 261 -22.22 18.23 19.84
CA VAL B 261 -22.50 19.53 19.18
C VAL B 261 -21.71 20.64 19.88
N GLU B 262 -21.62 20.65 21.20
CA GLU B 262 -20.84 21.70 21.90
CA GLU B 262 -20.84 21.71 21.89
C GLU B 262 -19.37 21.54 21.46
N ASP B 263 -18.87 20.30 21.30
CA ASP B 263 -17.47 20.11 20.83
C ASP B 263 -17.34 20.60 19.37
N LEU B 264 -18.35 20.36 18.56
CA LEU B 264 -18.39 20.88 17.15
C LEU B 264 -18.15 22.40 17.19
N ARG B 265 -18.82 23.11 18.10
CA ARG B 265 -18.69 24.58 18.20
C ARG B 265 -17.31 24.93 18.71
N LEU B 266 -16.79 24.23 19.71
CA LEU B 266 -15.45 24.53 20.27
C LEU B 266 -14.37 24.34 19.20
N ILE B 267 -14.34 23.20 18.49
CA ILE B 267 -13.27 22.93 17.51
C ILE B 267 -13.38 23.97 16.37
N ASN B 268 -14.59 24.26 15.92
CA ASN B 268 -14.76 25.22 14.79
C ASN B 268 -14.33 26.62 15.21
N THR B 269 -14.65 27.04 16.42
CA THR B 269 -14.27 28.41 16.84
C THR B 269 -12.74 28.48 16.96
N GLN B 270 -12.03 27.40 17.29
CA GLN B 270 -10.55 27.43 17.32
C GLN B 270 -10.06 27.73 15.91
N ALA B 271 -10.68 27.16 14.86
CA ALA B 271 -10.21 27.35 13.49
C ALA B 271 -10.66 28.72 12.94
N ILE B 272 -11.86 29.17 13.31
CA ILE B 272 -12.45 30.43 12.78
C ILE B 272 -11.70 31.64 13.36
N PHE B 273 -11.37 31.65 14.65
CA PHE B 273 -10.73 32.79 15.33
C PHE B 273 -9.20 32.69 15.27
N ALA B 274 -8.65 31.68 14.58
CA ALA B 274 -7.20 31.56 14.36
C ALA B 274 -6.75 32.70 13.45
N LYS B 275 -5.65 33.36 13.75
CA LYS B 275 -5.04 34.35 12.81
C LYS B 275 -4.49 33.57 11.60
N CYS B 276 -3.90 32.41 11.86
CA CYS B 276 -3.29 31.49 10.86
C CYS B 276 -3.49 30.06 11.38
N THR B 277 -3.60 29.09 10.50
CA THR B 277 -3.89 27.68 10.87
C THR B 277 -2.79 26.77 10.33
N GLY B 278 -2.22 25.94 11.19
CA GLY B 278 -1.35 24.82 10.78
C GLY B 278 -1.97 23.49 11.17
N MET B 279 -1.76 22.47 10.36
CA MET B 279 -2.22 21.09 10.64
C MET B 279 -1.06 20.12 10.49
N ILE B 280 -0.91 19.26 11.48
CA ILE B 280 0.01 18.10 11.44
C ILE B 280 -0.87 16.88 11.72
N ILE B 281 -1.09 16.05 10.73
CA ILE B 281 -2.05 14.92 10.81
C ILE B 281 -1.29 13.62 10.57
N LEU B 282 -1.32 12.73 11.55
N LEU B 282 -1.31 12.73 11.56
CA LEU B 282 -0.54 11.47 11.55
CA LEU B 282 -0.56 11.45 11.55
C LEU B 282 -1.45 10.23 11.50
C LEU B 282 -1.58 10.29 11.45
N GLY B 283 -1.01 9.23 10.75
N GLY B 283 -1.49 9.51 10.39
CA GLY B 283 -1.51 7.84 10.85
CA GLY B 283 -2.40 8.38 10.06
C GLY B 283 -2.69 7.60 9.94
C GLY B 283 -3.63 8.87 9.30
N GLY B 284 -3.31 8.66 9.43
N GLY B 284 -4.47 7.95 8.83
CA GLY B 284 -4.51 8.53 8.58
CA GLY B 284 -5.68 8.31 8.05
C GLY B 284 -5.21 9.86 8.43
C GLY B 284 -6.94 8.35 8.89
N GLY B 285 -6.36 9.88 7.77
N GLY B 285 -7.99 8.99 8.38
CA GLY B 285 -7.15 11.11 7.55
CA GLY B 285 -9.32 9.02 9.02
C GLY B 285 -7.97 11.49 8.77
C GLY B 285 -9.40 9.89 10.27
N VAL B 286 -7.32 11.72 9.91
N VAL B 286 -8.52 10.93 10.37
CA VAL B 286 -8.02 12.04 11.19
CA VAL B 286 -8.44 11.97 11.46
C VAL B 286 -8.84 13.33 11.02
C VAL B 286 -8.99 13.35 11.01
N VAL B 287 -8.32 14.20 10.20
CA VAL B 287 -8.90 15.49 9.73
C VAL B 287 -8.62 15.54 8.22
N LYS B 288 -9.66 15.64 7.40
CA LYS B 288 -9.51 15.87 5.92
C LYS B 288 -8.94 17.27 5.71
N HIS B 289 -8.06 17.42 4.73
CA HIS B 289 -7.28 18.66 4.51
C HIS B 289 -8.17 19.89 4.21
N HIS B 290 -9.24 19.75 3.43
CA HIS B 290 -10.07 20.94 3.01
C HIS B 290 -10.89 21.46 4.20
N ILE B 291 -10.47 22.54 4.85
CA ILE B 291 -11.27 23.19 5.92
C ILE B 291 -11.76 24.59 5.48
N ALA B 292 -11.21 25.17 4.42
CA ALA B 292 -11.59 26.54 3.99
C ALA B 292 -13.11 26.55 3.79
N ASN B 293 -13.80 27.50 4.43
CA ASN B 293 -15.27 27.62 4.32
C ASN B 293 -15.62 29.11 4.45
N ALA B 294 -15.96 29.75 3.34
CA ALA B 294 -16.22 31.20 3.24
C ALA B 294 -17.40 31.55 4.15
N ASN B 295 -18.47 30.76 4.12
CA ASN B 295 -19.71 31.04 4.90
C ASN B 295 -19.40 31.01 6.40
N LEU B 296 -18.47 30.17 6.83
CA LEU B 296 -18.11 30.09 8.27
C LEU B 296 -16.99 31.08 8.62
N MET B 297 -16.41 31.76 7.64
CA MET B 297 -15.19 32.61 7.81
C MET B 297 -14.06 31.75 8.40
N ARG B 298 -13.97 30.51 7.90
CA ARG B 298 -12.95 29.52 8.37
C ARG B 298 -11.89 29.47 7.29
N ASN B 299 -10.72 30.04 7.59
CA ASN B 299 -9.54 29.97 6.68
C ASN B 299 -9.13 28.51 6.49
N GLY B 300 -8.69 28.19 5.26
CA GLY B 300 -7.83 27.05 4.98
C GLY B 300 -6.59 27.11 5.82
N ALA B 301 -5.94 25.99 6.04
CA ALA B 301 -4.62 25.91 6.68
C ALA B 301 -3.61 26.59 5.75
N ASP B 302 -2.75 27.44 6.31
CA ASP B 302 -1.57 27.98 5.57
C ASP B 302 -0.50 26.90 5.45
N TYR B 303 -0.47 25.95 6.38
CA TYR B 303 0.55 24.88 6.42
C TYR B 303 -0.15 23.57 6.84
N ALA B 304 0.14 22.50 6.12
CA ALA B 304 -0.55 21.20 6.36
C ALA B 304 0.44 20.10 6.01
N VAL B 305 0.72 19.26 6.99
CA VAL B 305 1.63 18.09 6.85
C VAL B 305 0.87 16.85 7.27
N TYR B 306 0.87 15.88 6.37
CA TYR B 306 0.23 14.55 6.56
C TYR B 306 1.34 13.50 6.52
N ILE B 307 1.34 12.59 7.50
CA ILE B 307 2.25 11.43 7.51
C ILE B 307 1.40 10.18 7.69
N ASN B 308 1.30 9.37 6.65
CA ASN B 308 0.50 8.12 6.73
C ASN B 308 0.88 7.23 5.55
N THR B 309 0.41 6.00 5.56
CA THR B 309 0.59 5.00 4.47
C THR B 309 -0.74 4.74 3.74
N ALA B 310 -1.72 5.63 3.79
CA ALA B 310 -3.02 5.45 3.09
C ALA B 310 -2.82 5.73 1.59
N GLN B 311 -3.60 5.07 0.73
CA GLN B 311 -3.56 5.26 -0.75
C GLN B 311 -4.73 6.15 -1.21
N GLU B 312 -4.54 6.86 -2.33
CA GLU B 312 -5.54 7.79 -2.92
C GLU B 312 -6.50 7.03 -3.86
N PHE B 313 -6.12 5.82 -4.31
CA PHE B 313 -6.67 5.14 -5.52
C PHE B 313 -8.10 4.59 -5.27
N ASP B 314 -8.41 4.14 -4.05
CA ASP B 314 -9.77 3.67 -3.68
C ASP B 314 -10.57 4.78 -2.97
N GLY B 315 -10.07 6.02 -2.96
CA GLY B 315 -10.75 7.23 -2.42
C GLY B 315 -10.58 7.41 -0.91
N SER B 316 -9.62 6.74 -0.27
CA SER B 316 -9.23 6.90 1.16
C SER B 316 -8.27 8.10 1.23
N LYS B 330 -10.81 37.22 0.89
CA LYS B 330 -11.64 36.95 2.09
C LYS B 330 -10.92 35.91 2.96
N ILE B 331 -11.42 34.66 2.98
CA ILE B 331 -10.75 33.53 3.69
C ILE B 331 -9.54 33.08 2.88
N ARG B 332 -8.49 32.66 3.57
CA ARG B 332 -7.31 32.05 2.93
C ARG B 332 -7.72 30.68 2.39
N VAL B 333 -7.19 30.29 1.23
CA VAL B 333 -7.46 28.96 0.64
C VAL B 333 -6.69 27.90 1.45
N ASP B 334 -7.05 26.65 1.24
CA ASP B 334 -6.31 25.45 1.72
C ASP B 334 -4.96 25.45 0.98
N ALA B 335 -3.85 25.67 1.67
CA ALA B 335 -2.50 25.53 1.07
C ALA B 335 -2.31 24.08 0.63
N GLN B 336 -1.45 23.87 -0.37
CA GLN B 336 -1.14 22.50 -0.86
C GLN B 336 -0.46 21.77 0.31
N PRO B 337 -1.00 20.64 0.76
CA PRO B 337 -0.42 19.93 1.88
C PRO B 337 0.87 19.21 1.44
N VAL B 338 1.79 19.00 2.36
CA VAL B 338 2.91 18.04 2.17
C VAL B 338 2.46 16.69 2.74
N LYS B 339 2.54 15.65 1.93
CA LYS B 339 2.27 14.29 2.40
C LYS B 339 3.57 13.49 2.36
N VAL B 340 3.94 12.92 3.49
CA VAL B 340 5.04 11.93 3.58
C VAL B 340 4.36 10.57 3.66
N TYR B 341 4.57 9.74 2.64
CA TYR B 341 4.00 8.38 2.61
C TYR B 341 4.96 7.47 3.41
N ALA B 342 4.67 7.31 4.69
CA ALA B 342 5.58 6.60 5.63
C ALA B 342 4.81 6.32 6.92
N ASP B 343 5.22 5.24 7.59
CA ASP B 343 4.89 4.97 9.01
C ASP B 343 5.35 6.18 9.85
N ALA B 344 4.42 6.85 10.53
CA ALA B 344 4.75 8.00 11.41
C ALA B 344 5.69 7.56 12.56
N SER B 345 5.75 6.27 12.91
CA SER B 345 6.63 5.79 14.02
C SER B 345 8.10 6.05 13.65
N LEU B 346 8.44 6.01 12.37
CA LEU B 346 9.79 6.33 11.85
C LEU B 346 9.98 7.83 11.65
N VAL B 347 8.98 8.48 11.08
CA VAL B 347 9.20 9.86 10.54
C VAL B 347 8.94 10.91 11.62
N PHE B 348 7.94 10.72 12.47
CA PHE B 348 7.50 11.84 13.33
C PHE B 348 8.61 12.24 14.30
N PRO B 349 9.36 11.33 14.94
CA PRO B 349 10.42 11.80 15.85
C PRO B 349 11.51 12.57 15.09
N LEU B 350 11.82 12.19 13.87
CA LEU B 350 12.82 12.91 13.04
C LEU B 350 12.28 14.32 12.75
N LEU B 351 10.99 14.41 12.40
CA LEU B 351 10.35 15.72 12.09
C LEU B 351 10.48 16.62 13.33
N VAL B 352 10.09 16.09 14.48
CA VAL B 352 10.10 16.88 15.73
C VAL B 352 11.54 17.32 16.07
N ALA B 353 12.54 16.45 15.89
CA ALA B 353 13.96 16.76 16.20
C ALA B 353 14.40 17.99 15.40
N GLU B 354 13.95 18.14 14.17
CA GLU B 354 14.43 19.16 13.22
C GLU B 354 13.54 20.41 13.28
N THR B 355 12.46 20.40 14.06
CA THR B 355 11.48 21.52 14.06
C THR B 355 11.26 21.97 15.49
N PHE B 356 10.22 21.45 16.15
CA PHE B 356 9.83 21.90 17.50
C PHE B 356 11.01 21.83 18.47
N ALA B 357 11.75 20.72 18.48
CA ALA B 357 12.83 20.53 19.47
C ALA B 357 13.95 21.58 19.26
N GLN B 358 14.09 22.14 18.06
CA GLN B 358 15.09 23.20 17.73
C GLN B 358 14.67 24.53 18.34
N LYS B 359 13.41 24.70 18.71
CA LYS B 359 12.84 26.02 19.11
C LYS B 359 12.32 25.92 20.53
N MET B 360 12.80 24.94 21.27
CA MET B 360 12.39 24.71 22.68
C MET B 360 12.52 26.02 23.51
N ASP B 361 13.62 26.77 23.32
CA ASP B 361 13.89 28.07 24.01
C ASP B 361 12.68 29.02 23.90
N ALA B 362 12.12 29.17 22.69
CA ALA B 362 10.98 30.05 22.38
C ALA B 362 9.70 29.58 23.07
N PHE B 363 9.59 28.31 23.45
CA PHE B 363 8.39 27.79 24.16
C PHE B 363 8.73 27.77 25.67
N SER C 29 10.40 -9.14 28.65
CA SER C 29 9.65 -8.46 27.55
C SER C 29 9.98 -6.96 27.57
N THR C 30 10.19 -6.37 26.38
CA THR C 30 10.60 -4.96 26.22
C THR C 30 9.35 -4.08 26.21
N GLN C 31 9.38 -3.03 27.01
CA GLN C 31 8.28 -2.03 27.11
C GLN C 31 8.40 -1.06 25.94
N VAL C 32 7.25 -0.69 25.43
CA VAL C 32 7.13 0.37 24.40
C VAL C 32 7.40 1.71 25.06
N ARG C 33 8.34 2.45 24.50
CA ARG C 33 8.70 3.79 24.99
C ARG C 33 9.41 4.53 23.85
N GLY C 34 8.91 5.70 23.51
CA GLY C 34 9.53 6.55 22.49
C GLY C 34 10.63 7.40 23.09
N TYR C 35 11.44 7.99 22.24
CA TYR C 35 12.46 8.96 22.65
C TYR C 35 11.78 10.15 23.33
N ASP C 36 12.35 10.58 24.46
CA ASP C 36 11.86 11.74 25.23
C ASP C 36 12.68 12.98 24.85
N PHE C 37 12.06 13.90 24.11
CA PHE C 37 12.76 15.12 23.67
C PHE C 37 13.03 16.08 24.84
N ASN C 38 12.51 15.81 26.03
CA ASN C 38 12.92 16.59 27.24
C ASN C 38 14.43 16.37 27.48
N ARG C 39 15.01 15.31 26.95
CA ARG C 39 16.46 15.02 27.02
C ARG C 39 17.23 15.90 26.04
N GLY C 40 16.57 16.74 25.25
CA GLY C 40 17.18 17.47 24.14
C GLY C 40 17.33 16.57 22.91
N VAL C 41 18.08 17.03 21.93
CA VAL C 41 18.23 16.28 20.66
C VAL C 41 19.57 15.57 20.66
N ASN C 42 19.52 14.32 21.09
CA ASN C 42 20.64 13.37 21.06
C ASN C 42 20.29 12.38 19.96
N TYR C 43 20.85 12.58 18.78
CA TYR C 43 20.43 11.83 17.56
C TYR C 43 20.73 10.35 17.77
N ARG C 44 21.87 10.00 18.39
CA ARG C 44 22.15 8.54 18.53
C ARG C 44 21.10 7.90 19.44
N ALA C 45 20.72 8.56 20.52
CA ALA C 45 19.72 8.01 21.46
C ALA C 45 18.34 7.97 20.76
N LEU C 46 18.02 8.98 19.95
CA LEU C 46 16.73 9.05 19.19
C LEU C 46 16.66 7.84 18.24
N LEU C 47 17.74 7.59 17.50
CA LEU C 47 17.79 6.45 16.55
C LEU C 47 17.73 5.12 17.29
N GLU C 48 18.40 4.99 18.43
CA GLU C 48 18.31 3.73 19.21
C GLU C 48 16.87 3.52 19.73
N ALA C 49 16.19 4.59 20.13
CA ALA C 49 14.82 4.55 20.69
C ALA C 49 13.81 4.05 19.64
N PHE C 50 14.12 4.08 18.34
CA PHE C 50 13.24 3.45 17.33
C PHE C 50 12.95 2.00 17.72
N GLY C 51 13.93 1.30 18.29
CA GLY C 51 13.80 -0.13 18.67
C GLY C 51 12.64 -0.36 19.61
N THR C 52 12.34 0.59 20.49
CA THR C 52 11.25 0.44 21.51
C THR C 52 10.03 1.30 21.13
N THR C 53 10.00 1.85 19.92
CA THR C 53 8.89 2.73 19.50
C THR C 53 7.73 1.90 18.96
N GLY C 54 8.02 0.77 18.31
CA GLY C 54 6.95 -0.08 17.73
C GLY C 54 6.82 0.11 16.24
N PHE C 55 5.97 -0.71 15.65
CA PHE C 55 5.66 -0.70 14.20
C PHE C 55 6.98 -0.70 13.41
N GLN C 56 7.07 0.07 12.33
CA GLN C 56 8.28 -0.03 11.47
C GLN C 56 9.50 0.59 12.17
N ALA C 57 9.32 1.48 13.15
CA ALA C 57 10.48 1.98 13.96
C ALA C 57 11.18 0.78 14.60
N THR C 58 10.44 -0.16 15.18
CA THR C 58 11.02 -1.37 15.81
C THR C 58 11.74 -2.19 14.73
N ASN C 59 11.14 -2.36 13.55
CA ASN C 59 11.78 -3.13 12.46
C ASN C 59 13.08 -2.43 12.06
N PHE C 60 13.10 -1.11 12.03
CA PHE C 60 14.34 -0.36 11.74
C PHE C 60 15.41 -0.72 12.79
N GLY C 61 15.06 -0.72 14.07
CA GLY C 61 16.03 -1.06 15.14
C GLY C 61 16.54 -2.47 14.97
N ARG C 62 15.68 -3.42 14.55
CA ARG C 62 16.10 -4.81 14.30
C ARG C 62 17.04 -4.85 13.08
N ALA C 63 16.76 -4.05 12.05
CA ALA C 63 17.60 -4.00 10.83
C ALA C 63 19.00 -3.48 11.21
N VAL C 64 19.09 -2.46 12.06
CA VAL C 64 20.39 -1.93 12.55
C VAL C 64 21.16 -3.07 13.26
N GLN C 65 20.48 -3.82 14.13
CA GLN C 65 21.11 -4.95 14.87
C GLN C 65 21.66 -5.98 13.88
N GLN C 66 20.84 -6.37 12.89
CA GLN C 66 21.23 -7.40 11.89
C GLN C 66 22.43 -6.90 11.07
N VAL C 67 22.40 -5.66 10.61
CA VAL C 67 23.49 -5.16 9.73
C VAL C 67 24.77 -5.01 10.58
N ASN C 68 24.67 -4.55 11.81
CA ASN C 68 25.87 -4.46 12.70
C ASN C 68 26.46 -5.86 12.91
N ALA C 69 25.62 -6.88 13.06
CA ALA C 69 26.05 -8.29 13.21
C ALA C 69 26.75 -8.74 11.92
N MET C 70 26.24 -8.36 10.74
CA MET C 70 26.85 -8.69 9.43
C MET C 70 28.25 -8.12 9.38
N ILE C 71 28.35 -6.85 9.72
CA ILE C 71 29.63 -6.10 9.64
C ILE C 71 30.63 -6.71 10.64
N GLU C 72 30.20 -7.01 11.85
CA GLU C 72 31.10 -7.60 12.88
C GLU C 72 31.58 -8.98 12.40
N LYS C 73 30.71 -9.74 11.74
CA LYS C 73 31.11 -11.03 11.15
C LYS C 73 32.15 -10.79 10.06
N LYS C 74 31.88 -9.85 9.15
CA LYS C 74 32.80 -9.54 8.04
C LYS C 74 34.19 -9.18 8.57
N LEU C 75 34.26 -8.46 9.68
CA LEU C 75 35.54 -7.95 10.22
C LEU C 75 36.27 -9.06 11.02
N GLU C 76 35.66 -10.21 11.27
CA GLU C 76 36.38 -11.35 11.93
C GLU C 76 37.49 -11.82 11.01
N PRO C 77 38.73 -11.97 11.54
CA PRO C 77 39.87 -12.41 10.72
C PRO C 77 39.58 -13.80 10.15
N LEU C 78 39.99 -14.00 8.89
CA LEU C 78 39.85 -15.26 8.14
C LEU C 78 41.27 -15.87 8.03
N SER C 79 41.42 -17.19 7.83
CA SER C 79 42.55 -17.78 7.04
C SER C 79 41.99 -18.70 5.93
N GLN C 80 42.58 -18.64 4.72
CA GLN C 80 42.08 -19.35 3.51
C GLN C 80 43.09 -19.23 2.36
N ASP C 81 43.20 -20.27 1.53
CA ASP C 81 44.11 -20.32 0.35
C ASP C 81 43.60 -19.33 -0.71
N GLU C 82 44.27 -18.18 -0.85
CA GLU C 82 43.83 -17.07 -1.75
C GLU C 82 43.70 -17.58 -3.20
N ASP C 83 44.72 -18.29 -3.72
CA ASP C 83 44.74 -18.78 -5.12
C ASP C 83 43.56 -19.74 -5.33
N GLN C 84 43.19 -20.49 -4.29
CA GLN C 84 42.26 -21.66 -4.35
C GLN C 84 40.83 -21.14 -4.62
N HIS C 85 40.38 -20.22 -3.77
CA HIS C 85 39.05 -19.55 -3.87
C HIS C 85 38.96 -18.88 -5.25
N ALA C 86 40.06 -18.23 -5.66
CA ALA C 86 40.20 -17.40 -6.87
C ALA C 86 39.92 -18.22 -8.13
N ASP C 87 40.38 -19.48 -8.18
CA ASP C 87 40.25 -20.38 -9.36
C ASP C 87 38.82 -20.94 -9.45
N LEU C 88 38.12 -21.04 -8.32
CA LEU C 88 36.73 -21.58 -8.22
C LEU C 88 35.73 -20.44 -8.53
N THR C 89 35.99 -19.23 -8.00
CA THR C 89 35.12 -18.02 -8.15
C THR C 89 35.40 -17.29 -9.47
N GLN C 90 36.59 -17.51 -10.06
CA GLN C 90 37.07 -16.73 -11.25
C GLN C 90 36.97 -15.24 -10.92
N SER C 91 37.32 -14.86 -9.69
CA SER C 91 37.29 -13.47 -9.19
C SER C 91 38.62 -13.11 -8.52
N ARG C 92 39.02 -11.84 -8.62
CA ARG C 92 40.23 -11.26 -7.97
C ARG C 92 39.88 -10.77 -6.56
N ARG C 93 38.61 -10.83 -6.13
CA ARG C 93 38.21 -10.28 -4.82
C ARG C 93 38.55 -11.27 -3.70
N PRO C 94 39.35 -10.87 -2.69
CA PRO C 94 39.64 -11.75 -1.56
C PRO C 94 38.40 -12.02 -0.69
N LEU C 95 38.27 -13.26 -0.24
CA LEU C 95 37.22 -13.71 0.69
C LEU C 95 37.37 -12.97 2.02
N THR C 96 36.25 -12.61 2.66
CA THR C 96 36.21 -12.09 4.05
C THR C 96 35.34 -13.07 4.80
N SER C 97 35.14 -12.82 6.09
CA SER C 97 34.33 -13.71 6.95
C SER C 97 32.82 -13.55 6.70
N CYS C 98 32.40 -12.54 5.92
CA CYS C 98 30.97 -12.40 5.53
C CYS C 98 30.86 -11.66 4.18
N THR C 99 30.31 -12.35 3.21
CA THR C 99 30.09 -11.83 1.84
C THR C 99 28.74 -11.13 1.84
N ILE C 100 28.72 -9.82 1.62
CA ILE C 100 27.46 -9.01 1.68
C ILE C 100 27.01 -8.70 0.25
N PHE C 101 25.79 -9.12 -0.06
CA PHE C 101 25.11 -8.82 -1.34
C PHE C 101 24.24 -7.57 -1.13
N LEU C 102 24.44 -6.54 -1.93
CA LEU C 102 23.62 -5.31 -1.86
C LEU C 102 22.80 -5.24 -3.15
N GLY C 103 21.50 -5.43 -3.02
CA GLY C 103 20.57 -5.33 -4.17
C GLY C 103 19.73 -4.09 -4.06
N TYR C 104 19.46 -3.45 -5.19
CA TYR C 104 18.67 -2.20 -5.20
C TYR C 104 18.00 -2.04 -6.58
N THR C 105 16.81 -1.49 -6.55
CA THR C 105 16.04 -1.09 -7.75
C THR C 105 16.67 0.15 -8.37
N SER C 106 16.52 0.31 -9.69
N SER C 106 16.54 0.30 -9.68
CA SER C 106 17.06 1.43 -10.48
CA SER C 106 17.09 1.42 -10.47
C SER C 106 16.60 2.78 -9.92
C SER C 106 16.60 2.77 -9.91
N ASN C 107 15.35 2.87 -9.46
CA ASN C 107 14.81 4.15 -8.93
C ASN C 107 15.72 4.68 -7.80
N LEU C 108 16.33 3.80 -7.03
CA LEU C 108 17.21 4.26 -5.91
C LEU C 108 18.49 4.88 -6.46
N ILE C 109 18.96 4.44 -7.62
CA ILE C 109 20.12 5.09 -8.30
C ILE C 109 19.73 6.48 -8.83
N SER C 110 18.49 6.69 -9.26
CA SER C 110 18.00 8.04 -9.66
C SER C 110 17.92 8.95 -8.42
N SER C 111 17.59 8.40 -7.26
CA SER C 111 17.53 9.15 -5.99
C SER C 111 18.96 9.45 -5.49
N GLY C 112 19.02 10.20 -4.37
CA GLY C 112 20.25 10.51 -3.63
C GLY C 112 20.86 9.27 -2.97
N ILE C 113 20.14 8.15 -2.95
CA ILE C 113 20.67 6.87 -2.38
C ILE C 113 21.81 6.38 -3.25
N ARG C 114 21.90 6.86 -4.49
CA ARG C 114 23.11 6.67 -5.33
C ARG C 114 24.37 7.05 -4.50
N GLU C 115 24.36 8.17 -3.79
CA GLU C 115 25.55 8.59 -2.97
C GLU C 115 25.80 7.58 -1.84
N THR C 116 24.74 7.08 -1.22
CA THR C 116 24.85 6.11 -0.11
C THR C 116 25.49 4.82 -0.61
N ILE C 117 25.00 4.33 -1.75
CA ILE C 117 25.52 3.10 -2.37
C ILE C 117 26.96 3.32 -2.79
N ARG C 118 27.25 4.45 -3.43
CA ARG C 118 28.62 4.74 -3.90
C ARG C 118 29.59 4.68 -2.71
N TYR C 119 29.21 5.27 -1.58
CA TYR C 119 30.05 5.26 -0.35
C TYR C 119 30.39 3.83 0.07
N LEU C 120 29.39 2.95 0.14
CA LEU C 120 29.60 1.56 0.60
C LEU C 120 30.56 0.87 -0.36
N VAL C 121 30.37 1.08 -1.66
CA VAL C 121 31.20 0.41 -2.69
C VAL C 121 32.62 0.96 -2.65
N GLN C 122 32.76 2.28 -2.54
CA GLN C 122 34.05 2.99 -2.46
C GLN C 122 34.92 2.38 -1.35
N HIS C 123 34.32 2.04 -0.20
CA HIS C 123 35.10 1.58 0.99
C HIS C 123 35.06 0.07 1.12
N ASN C 124 34.65 -0.67 0.08
CA ASN C 124 34.68 -2.15 0.10
C ASN C 124 33.85 -2.72 1.24
N MET C 125 32.74 -2.07 1.58
CA MET C 125 31.90 -2.49 2.72
C MET C 125 30.90 -3.56 2.25
N VAL C 126 30.67 -3.68 0.93
CA VAL C 126 29.84 -4.78 0.37
C VAL C 126 30.65 -5.50 -0.71
N ASP C 127 30.21 -6.69 -1.11
CA ASP C 127 31.00 -7.60 -1.95
C ASP C 127 30.38 -7.78 -3.35
N VAL C 128 29.05 -7.70 -3.44
CA VAL C 128 28.34 -7.98 -4.73
C VAL C 128 27.16 -6.99 -4.85
N LEU C 129 26.96 -6.42 -6.03
CA LEU C 129 25.79 -5.58 -6.33
C LEU C 129 24.85 -6.31 -7.28
N VAL C 130 23.56 -6.15 -7.05
CA VAL C 130 22.50 -6.66 -7.97
C VAL C 130 21.52 -5.51 -8.20
N THR C 131 21.19 -5.21 -9.45
CA THR C 131 20.23 -4.14 -9.75
C THR C 131 19.28 -4.55 -10.88
N THR C 132 18.40 -3.63 -11.23
CA THR C 132 17.27 -3.84 -12.17
C THR C 132 17.46 -2.90 -13.35
N ALA C 133 16.57 -2.98 -14.35
CA ALA C 133 16.68 -2.19 -15.60
C ALA C 133 16.82 -0.71 -15.25
N GLY C 134 17.80 -0.02 -15.83
CA GLY C 134 18.05 1.41 -15.61
C GLY C 134 19.10 1.64 -14.54
N GLY C 135 19.36 0.65 -13.67
CA GLY C 135 20.19 0.85 -12.45
C GLY C 135 21.65 1.16 -12.75
N VAL C 136 22.11 0.84 -13.96
CA VAL C 136 23.52 1.09 -14.38
C VAL C 136 23.57 2.48 -15.02
N GLU C 137 22.78 2.72 -16.06
CA GLU C 137 22.89 3.98 -16.84
C GLU C 137 22.51 5.18 -15.96
N GLU C 138 21.57 5.06 -15.03
CA GLU C 138 21.17 6.24 -14.23
C GLU C 138 22.38 6.72 -13.38
N ASP C 139 23.31 5.84 -13.01
CA ASP C 139 24.52 6.27 -12.26
C ASP C 139 25.48 6.98 -13.21
N LEU C 140 25.68 6.43 -14.40
CA LEU C 140 26.67 6.94 -15.39
C LEU C 140 26.20 8.30 -15.91
N ILE C 141 24.91 8.41 -16.22
CA ILE C 141 24.34 9.68 -16.74
C ILE C 141 24.56 10.83 -15.73
N LYS C 142 24.45 10.54 -14.42
CA LYS C 142 24.63 11.60 -13.39
C LYS C 142 26.06 12.14 -13.40
N CYS C 143 27.02 11.41 -13.96
CA CYS C 143 28.40 11.90 -14.14
C CYS C 143 28.48 12.91 -15.30
N LEU C 144 27.46 12.98 -16.17
CA LEU C 144 27.44 13.85 -17.37
C LEU C 144 26.51 15.03 -17.14
N ALA C 145 25.42 14.85 -16.39
CA ALA C 145 24.40 15.88 -16.18
C ALA C 145 23.56 15.49 -14.97
N PRO C 146 23.01 16.48 -14.24
CA PRO C 146 22.24 16.19 -13.03
C PRO C 146 20.81 15.73 -13.28
N THR C 147 20.30 14.97 -12.30
CA THR C 147 18.87 14.69 -12.09
C THR C 147 18.32 15.77 -11.17
N TYR C 148 17.06 16.17 -11.37
CA TYR C 148 16.43 17.30 -10.65
C TYR C 148 15.23 16.81 -9.84
N LEU C 149 14.89 17.58 -8.81
CA LEU C 149 13.61 17.41 -8.09
C LEU C 149 12.50 18.03 -8.95
N GLY C 150 11.39 17.32 -9.14
CA GLY C 150 10.12 17.87 -9.64
C GLY C 150 9.13 18.04 -8.49
N GLU C 151 7.96 17.37 -8.57
CA GLU C 151 6.89 17.36 -7.52
C GLU C 151 6.16 16.01 -7.51
N GLY C 163 10.85 17.78 -22.85
CA GLY C 163 11.58 16.51 -22.94
C GLY C 163 12.17 16.14 -21.59
N ILE C 164 11.35 15.49 -20.74
CA ILE C 164 11.71 15.08 -19.34
C ILE C 164 11.27 13.64 -19.08
N ASN C 165 12.14 12.81 -18.52
CA ASN C 165 11.78 11.46 -18.01
C ASN C 165 11.43 11.65 -16.52
N ARG C 166 10.18 11.41 -16.13
CA ARG C 166 9.70 11.55 -14.72
C ARG C 166 9.84 10.20 -14.03
N ILE C 167 10.55 10.19 -12.91
CA ILE C 167 10.72 8.97 -12.05
C ILE C 167 10.26 9.41 -10.65
N GLY C 168 9.03 9.05 -10.30
CA GLY C 168 8.33 9.57 -9.11
C GLY C 168 8.35 11.09 -9.12
N ASN C 169 9.02 11.72 -8.13
CA ASN C 169 9.07 13.20 -8.02
C ASN C 169 10.41 13.70 -8.56
N LEU C 170 11.15 12.89 -9.32
CA LEU C 170 12.43 13.25 -9.94
C LEU C 170 12.25 13.47 -11.44
N LEU C 171 13.11 14.27 -12.01
CA LEU C 171 13.10 14.63 -13.45
C LEU C 171 14.49 14.37 -14.00
N VAL C 172 14.58 13.55 -15.06
CA VAL C 172 15.84 13.39 -15.82
C VAL C 172 15.59 14.00 -17.20
N PRO C 173 16.17 15.17 -17.52
CA PRO C 173 16.01 15.74 -18.86
C PRO C 173 16.45 14.73 -19.92
N ASN C 174 15.67 14.64 -21.01
CA ASN C 174 15.96 13.74 -22.15
C ASN C 174 17.38 13.98 -22.67
N GLU C 175 17.85 15.21 -22.62
CA GLU C 175 19.23 15.60 -23.08
C GLU C 175 20.28 14.78 -22.33
N ASN C 176 20.03 14.42 -21.06
CA ASN C 176 21.01 13.65 -20.27
C ASN C 176 21.27 12.32 -20.97
N TYR C 177 20.22 11.66 -21.46
CA TYR C 177 20.31 10.37 -22.19
C TYR C 177 21.06 10.57 -23.53
N CYS C 178 20.86 11.71 -24.18
CA CYS C 178 21.57 12.02 -25.47
C CYS C 178 23.07 12.17 -25.23
N LYS C 179 23.47 12.87 -24.16
CA LYS C 179 24.89 13.01 -23.77
C LYS C 179 25.45 11.63 -23.46
N PHE C 180 24.68 10.79 -22.78
CA PHE C 180 25.15 9.43 -22.44
C PHE C 180 25.35 8.62 -23.74
N GLU C 181 24.39 8.68 -24.66
CA GLU C 181 24.48 7.96 -25.96
C GLU C 181 25.77 8.36 -26.71
N ASP C 182 26.07 9.65 -26.76
CA ASP C 182 27.29 10.18 -27.44
C ASP C 182 28.54 9.61 -26.78
N TRP C 183 28.55 9.54 -25.45
CA TRP C 183 29.69 8.98 -24.66
C TRP C 183 29.80 7.49 -24.89
N LEU C 184 28.67 6.78 -24.99
CA LEU C 184 28.64 5.30 -24.99
C LEU C 184 29.10 4.71 -26.32
N MET C 185 28.65 5.26 -27.45
CA MET C 185 28.82 4.62 -28.79
C MET C 185 30.27 4.21 -29.06
N PRO C 186 31.28 5.08 -28.85
CA PRO C 186 32.68 4.67 -29.06
C PRO C 186 33.13 3.52 -28.17
N ILE C 187 32.58 3.44 -26.94
CA ILE C 187 32.95 2.33 -26.02
C ILE C 187 32.36 1.02 -26.59
N LEU C 188 31.12 1.06 -27.05
CA LEU C 188 30.48 -0.13 -27.66
C LEU C 188 31.32 -0.59 -28.88
N ASP C 189 31.82 0.35 -29.69
CA ASP C 189 32.70 0.01 -30.85
C ASP C 189 33.92 -0.78 -30.34
N GLN C 190 34.58 -0.30 -29.29
CA GLN C 190 35.77 -0.99 -28.71
C GLN C 190 35.35 -2.37 -28.18
N MET C 191 34.20 -2.46 -27.54
CA MET C 191 33.75 -3.76 -26.97
C MET C 191 33.54 -4.79 -28.09
N VAL C 192 32.92 -4.39 -29.20
CA VAL C 192 32.69 -5.35 -30.32
C VAL C 192 34.05 -5.74 -30.93
N MET C 193 34.96 -4.79 -31.10
CA MET C 193 36.31 -5.10 -31.65
C MET C 193 37.02 -6.09 -30.73
N GLU C 194 36.95 -5.91 -29.40
CA GLU C 194 37.64 -6.80 -28.45
C GLU C 194 37.00 -8.18 -28.49
N GLN C 195 35.68 -8.23 -28.68
CA GLN C 195 34.97 -9.52 -28.79
C GLN C 195 35.53 -10.28 -30.01
N ASN C 196 35.64 -9.56 -31.12
CA ASN C 196 35.88 -10.16 -32.45
C ASN C 196 37.37 -10.45 -32.64
N THR C 197 38.28 -9.69 -32.01
CA THR C 197 39.74 -9.82 -32.25
C THR C 197 40.49 -10.33 -31.01
N GLU C 198 39.96 -10.19 -29.78
CA GLU C 198 40.72 -10.59 -28.56
C GLU C 198 39.96 -11.65 -27.75
N GLY C 199 38.95 -12.28 -28.34
CA GLY C 199 38.20 -13.39 -27.72
C GLY C 199 37.44 -12.99 -26.44
N VAL C 200 37.11 -11.71 -26.23
CA VAL C 200 36.36 -11.32 -24.98
C VAL C 200 34.93 -11.88 -25.08
N LYS C 201 34.47 -12.55 -24.03
CA LYS C 201 33.09 -13.08 -23.93
C LYS C 201 32.32 -12.16 -22.98
N TRP C 202 31.61 -11.17 -23.52
CA TRP C 202 30.91 -10.16 -22.70
C TRP C 202 29.73 -10.77 -21.96
N THR C 203 29.52 -10.28 -20.75
CA THR C 203 28.34 -10.53 -19.88
C THR C 203 27.92 -9.17 -19.37
N PRO C 204 26.70 -9.05 -18.78
CA PRO C 204 26.31 -7.79 -18.15
C PRO C 204 27.37 -7.33 -17.14
N SER C 205 27.86 -8.20 -16.26
CA SER C 205 28.81 -7.76 -15.19
C SER C 205 30.09 -7.20 -15.83
N LYS C 206 30.62 -7.85 -16.87
CA LYS C 206 31.87 -7.40 -17.53
C LYS C 206 31.63 -6.06 -18.23
N MET C 207 30.47 -5.89 -18.83
CA MET C 207 30.13 -4.61 -19.49
C MET C 207 30.02 -3.51 -18.43
N ILE C 208 29.36 -3.78 -17.30
CA ILE C 208 29.16 -2.75 -16.25
C ILE C 208 30.53 -2.32 -15.69
N ALA C 209 31.43 -3.26 -15.46
CA ALA C 209 32.81 -2.96 -15.02
C ALA C 209 33.52 -2.07 -16.03
N ARG C 210 33.39 -2.38 -17.33
CA ARG C 210 34.00 -1.56 -18.40
C ARG C 210 33.41 -0.16 -18.37
N LEU C 211 32.08 -0.01 -18.26
CA LEU C 211 31.47 1.34 -18.27
C LEU C 211 31.97 2.13 -17.04
N GLY C 212 32.09 1.45 -15.89
CA GLY C 212 32.58 2.12 -14.67
C GLY C 212 34.02 2.59 -14.84
N LYS C 213 34.86 1.75 -15.45
CA LYS C 213 36.25 2.12 -15.76
C LYS C 213 36.27 3.34 -16.68
N GLU C 214 35.45 3.33 -17.73
CA GLU C 214 35.42 4.43 -18.72
C GLU C 214 34.90 5.71 -18.09
N ILE C 215 33.89 5.64 -17.21
CA ILE C 215 33.31 6.92 -16.69
C ILE C 215 34.40 7.61 -15.83
N ASN C 216 35.24 6.84 -15.17
CA ASN C 216 36.49 7.34 -14.52
C ASN C 216 36.16 8.53 -13.63
N ASN C 217 35.15 8.40 -12.76
CA ASN C 217 34.59 9.52 -12.00
C ASN C 217 34.22 9.00 -10.62
N PRO C 218 34.84 9.55 -9.54
CA PRO C 218 34.65 9.01 -8.20
C PRO C 218 33.27 9.28 -7.60
N GLU C 219 32.37 9.95 -8.32
CA GLU C 219 30.95 10.08 -7.92
C GLU C 219 30.14 8.85 -8.36
N SER C 220 30.72 8.00 -9.21
CA SER C 220 30.02 6.85 -9.83
C SER C 220 30.13 5.61 -8.95
N VAL C 221 28.99 5.00 -8.68
CA VAL C 221 28.93 3.66 -8.03
C VAL C 221 29.80 2.70 -8.84
N TYR C 222 29.64 2.68 -10.17
CA TYR C 222 30.22 1.60 -11.02
C TYR C 222 31.71 1.84 -11.20
N TYR C 223 32.15 3.10 -11.16
CA TYR C 223 33.60 3.41 -11.14
C TYR C 223 34.23 2.68 -9.95
N TRP C 224 33.67 2.87 -8.74
CA TRP C 224 34.23 2.25 -7.52
C TRP C 224 34.09 0.74 -7.55
N ALA C 225 32.97 0.20 -8.05
CA ALA C 225 32.76 -1.26 -8.05
C ALA C 225 33.89 -1.91 -8.85
N GLN C 226 34.18 -1.41 -10.05
CA GLN C 226 35.21 -2.09 -10.89
C GLN C 226 36.59 -1.85 -10.25
N LYS C 227 36.83 -0.67 -9.69
CA LYS C 227 38.14 -0.36 -9.04
C LYS C 227 38.36 -1.33 -7.88
N ASN C 228 37.30 -1.69 -7.14
CA ASN C 228 37.41 -2.51 -5.91
C ASN C 228 37.07 -3.97 -6.19
N HIS C 229 36.88 -4.37 -7.46
CA HIS C 229 36.57 -5.78 -7.86
C HIS C 229 35.28 -6.25 -7.21
N ILE C 230 34.28 -5.36 -7.15
CA ILE C 230 32.90 -5.71 -6.74
C ILE C 230 32.11 -5.93 -8.03
N PRO C 231 31.70 -7.19 -8.33
CA PRO C 231 30.94 -7.46 -9.54
C PRO C 231 29.52 -6.92 -9.40
N VAL C 232 28.94 -6.51 -10.52
CA VAL C 232 27.55 -6.02 -10.61
C VAL C 232 26.77 -6.93 -11.54
N PHE C 233 25.67 -7.51 -11.07
CA PHE C 233 24.78 -8.39 -11.84
C PHE C 233 23.49 -7.66 -12.20
N SER C 234 23.11 -7.74 -13.47
CA SER C 234 21.87 -7.14 -13.98
C SER C 234 21.47 -7.81 -15.31
N PRO C 235 20.76 -8.95 -15.27
CA PRO C 235 20.23 -9.55 -16.49
C PRO C 235 19.32 -8.61 -17.27
N ALA C 236 18.66 -7.67 -16.58
CA ALA C 236 17.73 -6.69 -17.18
C ALA C 236 18.48 -5.46 -17.70
N LEU C 237 19.80 -5.52 -17.81
CA LEU C 237 20.69 -4.40 -18.23
C LEU C 237 20.13 -3.68 -19.47
N THR C 238 19.54 -4.40 -20.41
CA THR C 238 19.16 -3.86 -21.75
C THR C 238 17.66 -3.57 -21.83
N ASP C 239 16.91 -3.57 -20.72
CA ASP C 239 15.44 -3.46 -20.78
C ASP C 239 14.98 -2.01 -20.93
N GLY C 240 15.86 -1.05 -20.71
CA GLY C 240 15.56 0.39 -20.69
C GLY C 240 16.38 1.17 -21.71
N SER C 241 16.81 2.39 -21.35
CA SER C 241 17.47 3.34 -22.28
CA SER C 241 17.46 3.33 -22.28
C SER C 241 18.81 2.77 -22.76
N LEU C 242 19.60 2.20 -21.85
CA LEU C 242 20.89 1.61 -22.27
C LEU C 242 20.59 0.56 -23.35
N GLY C 243 19.54 -0.25 -23.15
CA GLY C 243 19.16 -1.22 -24.18
C GLY C 243 18.83 -0.55 -25.52
N ASP C 244 18.07 0.54 -25.52
CA ASP C 244 17.74 1.29 -26.77
C ASP C 244 19.05 1.61 -27.51
N MET C 245 20.06 2.02 -26.78
CA MET C 245 21.36 2.47 -27.35
C MET C 245 22.17 1.27 -27.86
N ILE C 246 22.18 0.16 -27.11
CA ILE C 246 22.85 -1.08 -27.56
C ILE C 246 22.16 -1.56 -28.84
N PHE C 247 20.83 -1.49 -28.87
CA PHE C 247 20.04 -1.94 -30.03
C PHE C 247 20.42 -1.09 -31.26
N PHE C 248 20.37 0.23 -31.10
CA PHE C 248 20.73 1.20 -32.17
C PHE C 248 22.15 0.91 -32.66
N HIS C 249 23.08 0.74 -31.74
CA HIS C 249 24.50 0.46 -32.06
C HIS C 249 24.62 -0.83 -32.87
N SER C 250 23.78 -1.84 -32.62
CA SER C 250 23.87 -3.16 -33.29
C SER C 250 23.59 -3.03 -34.79
N TYR C 251 22.86 -2.01 -35.22
CA TYR C 251 22.65 -1.71 -36.66
C TYR C 251 23.94 -1.14 -37.26
N LYS C 252 24.66 -0.29 -36.51
CA LYS C 252 25.93 0.34 -36.98
C LYS C 252 27.07 -0.70 -36.95
N ASN C 253 27.02 -1.67 -36.04
CA ASN C 253 28.19 -2.51 -35.64
C ASN C 253 27.63 -3.78 -35.01
N PRO C 254 27.11 -4.74 -35.81
CA PRO C 254 26.39 -5.89 -35.29
C PRO C 254 27.27 -6.94 -34.59
N GLY C 255 26.63 -7.77 -33.76
CA GLY C 255 27.16 -9.03 -33.24
C GLY C 255 27.58 -8.99 -31.77
N LEU C 256 27.41 -7.88 -31.04
CA LEU C 256 27.68 -7.89 -29.56
C LEU C 256 26.82 -8.99 -28.94
N VAL C 257 27.45 -9.88 -28.18
CA VAL C 257 26.78 -10.91 -27.36
C VAL C 257 26.94 -10.54 -25.88
N LEU C 258 25.84 -10.56 -25.14
CA LEU C 258 25.87 -10.48 -23.65
C LEU C 258 25.27 -11.76 -23.11
N ASP C 259 26.13 -12.61 -22.58
CA ASP C 259 25.76 -13.93 -22.04
C ASP C 259 25.34 -13.77 -20.57
N ILE C 260 24.19 -14.30 -20.19
CA ILE C 260 23.76 -14.29 -18.75
C ILE C 260 24.24 -15.55 -18.03
N VAL C 261 24.59 -16.62 -18.74
CA VAL C 261 24.91 -17.91 -18.06
C VAL C 261 26.26 -17.79 -17.32
N GLU C 262 27.25 -17.16 -17.92
CA GLU C 262 28.55 -16.95 -17.24
C GLU C 262 28.29 -16.08 -15.98
N ASP C 263 27.40 -15.09 -16.04
CA ASP C 263 27.09 -14.24 -14.84
C ASP C 263 26.36 -15.10 -13.80
N LEU C 264 25.47 -15.98 -14.24
CA LEU C 264 24.80 -16.96 -13.35
C LEU C 264 25.87 -17.72 -12.54
N ARG C 265 26.93 -18.16 -13.20
CA ARG C 265 28.01 -18.93 -12.52
C ARG C 265 28.78 -17.99 -11.59
N LEU C 266 29.10 -16.78 -12.03
CA LEU C 266 29.87 -15.83 -11.19
C LEU C 266 29.10 -15.47 -9.91
N ILE C 267 27.82 -15.14 -10.01
CA ILE C 267 27.07 -14.71 -8.79
C ILE C 267 26.94 -15.93 -7.86
N ASN C 268 26.67 -17.12 -8.40
CA ASN C 268 26.54 -18.34 -7.57
C ASN C 268 27.85 -18.67 -6.87
N THR C 269 28.99 -18.52 -7.53
CA THR C 269 30.27 -18.90 -6.91
C THR C 269 30.54 -17.92 -5.75
N GLN C 270 30.08 -16.65 -5.84
CA GLN C 270 30.24 -15.69 -4.73
C GLN C 270 29.48 -16.24 -3.52
N ALA C 271 28.30 -16.82 -3.72
CA ALA C 271 27.45 -17.29 -2.62
C ALA C 271 27.93 -18.66 -2.10
N ILE C 272 28.44 -19.51 -2.99
CA ILE C 272 28.83 -20.90 -2.65
C ILE C 272 30.12 -20.87 -1.81
N PHE C 273 31.10 -20.05 -2.19
CA PHE C 273 32.42 -19.99 -1.52
C PHE C 273 32.41 -18.99 -0.37
N ALA C 274 31.27 -18.37 -0.06
CA ALA C 274 31.14 -17.48 1.12
C ALA C 274 31.28 -18.32 2.39
N LYS C 275 32.05 -17.86 3.38
CA LYS C 275 32.06 -18.47 4.72
C LYS C 275 30.71 -18.19 5.38
N CYS C 276 30.18 -16.98 5.19
CA CYS C 276 28.91 -16.46 5.77
C CYS C 276 28.33 -15.47 4.75
N THR C 277 27.01 -15.33 4.70
CA THR C 277 26.33 -14.50 3.68
C THR C 277 25.43 -13.50 4.38
N GLY C 278 25.55 -12.23 3.99
CA GLY C 278 24.57 -11.18 4.33
C GLY C 278 23.89 -10.65 3.08
N MET C 279 22.63 -10.24 3.21
CA MET C 279 21.88 -9.59 2.12
C MET C 279 21.25 -8.29 2.65
N ILE C 280 21.43 -7.22 1.93
CA ILE C 280 20.72 -5.94 2.11
C ILE C 280 20.03 -5.66 0.77
N ILE C 281 18.71 -5.75 0.75
CA ILE C 281 17.93 -5.64 -0.51
C ILE C 281 16.97 -4.45 -0.38
N LEU C 282 17.11 -3.50 -1.29
CA LEU C 282 16.36 -2.22 -1.26
C LEU C 282 15.41 -2.11 -2.44
N GLY C 283 14.23 -1.60 -2.18
CA GLY C 283 13.34 -1.05 -3.22
C GLY C 283 12.40 -2.08 -3.74
N GLY C 284 12.65 -3.37 -3.48
CA GLY C 284 11.76 -4.42 -3.98
C GLY C 284 12.49 -5.72 -3.93
N GLY C 285 11.92 -6.77 -4.53
CA GLY C 285 12.45 -8.15 -4.45
C GLY C 285 13.53 -8.40 -5.48
N VAL C 286 14.59 -7.60 -5.45
CA VAL C 286 15.68 -7.66 -6.48
C VAL C 286 16.30 -9.08 -6.40
N VAL C 287 16.40 -9.59 -5.19
CA VAL C 287 16.85 -10.96 -4.85
C VAL C 287 15.84 -11.50 -3.83
N LYS C 288 15.19 -12.62 -4.14
CA LYS C 288 14.28 -13.31 -3.20
C LYS C 288 15.15 -13.93 -2.09
N HIS C 289 14.68 -13.93 -0.85
CA HIS C 289 15.56 -14.23 0.30
C HIS C 289 16.00 -15.71 0.37
N HIS C 290 15.19 -16.65 -0.09
CA HIS C 290 15.54 -18.11 -0.02
C HIS C 290 16.67 -18.42 -1.00
N ILE C 291 17.90 -18.53 -0.54
CA ILE C 291 19.04 -18.93 -1.41
C ILE C 291 19.62 -20.28 -0.94
N ALA C 292 19.29 -20.76 0.27
CA ALA C 292 19.88 -22.02 0.79
C ALA C 292 19.60 -23.12 -0.23
N ASN C 293 20.62 -23.86 -0.63
CA ASN C 293 20.48 -24.94 -1.66
C ASN C 293 21.54 -26.01 -1.38
N ALA C 294 21.12 -27.14 -0.84
CA ALA C 294 22.00 -28.26 -0.42
C ALA C 294 22.77 -28.78 -1.64
N ASN C 295 22.09 -29.00 -2.76
CA ASN C 295 22.72 -29.56 -3.99
C ASN C 295 23.81 -28.63 -4.49
N LEU C 296 23.66 -27.31 -4.34
CA LEU C 296 24.67 -26.36 -4.83
C LEU C 296 25.70 -26.05 -3.74
N MET C 297 25.54 -26.57 -2.53
CA MET C 297 26.39 -26.21 -1.34
C MET C 297 26.34 -24.69 -1.14
N ARG C 298 25.14 -24.12 -1.32
CA ARG C 298 24.90 -22.65 -1.25
C ARG C 298 24.20 -22.38 0.08
N ASN C 299 24.92 -21.77 1.01
CA ASN C 299 24.36 -21.36 2.33
C ASN C 299 23.25 -20.33 2.14
N GLY C 300 22.22 -20.44 2.96
CA GLY C 300 21.30 -19.35 3.28
C GLY C 300 22.07 -18.18 3.83
N ALA C 301 21.47 -17.00 3.76
CA ALA C 301 21.98 -15.78 4.42
C ALA C 301 21.85 -15.99 5.92
N ASP C 302 22.89 -15.68 6.70
CA ASP C 302 22.81 -15.58 8.16
C ASP C 302 22.11 -14.27 8.55
N TYR C 303 22.17 -13.25 7.71
CA TYR C 303 21.59 -11.90 7.99
C TYR C 303 20.95 -11.36 6.71
N ALA C 304 19.70 -10.95 6.76
CA ALA C 304 18.97 -10.48 5.56
C ALA C 304 18.05 -9.33 5.97
N VAL C 305 18.25 -8.20 5.34
CA VAL C 305 17.45 -6.97 5.59
C VAL C 305 16.85 -6.51 4.28
N TYR C 306 15.53 -6.34 4.31
CA TYR C 306 14.75 -5.85 3.16
C TYR C 306 14.14 -4.52 3.55
N ILE C 307 14.30 -3.51 2.71
CA ILE C 307 13.61 -2.20 2.88
C ILE C 307 12.84 -1.89 1.60
N ASN C 308 11.52 -1.91 1.69
CA ASN C 308 10.67 -1.59 0.51
C ASN C 308 9.24 -1.36 0.98
N THR C 309 8.37 -0.90 0.08
CA THR C 309 6.92 -0.67 0.36
C THR C 309 6.05 -1.70 -0.38
N ALA C 310 6.59 -2.83 -0.81
CA ALA C 310 5.79 -3.89 -1.48
C ALA C 310 4.94 -4.64 -0.43
N GLN C 311 3.77 -5.13 -0.84
CA GLN C 311 2.84 -5.95 -0.01
C GLN C 311 2.99 -7.44 -0.37
N GLU C 312 2.58 -8.32 0.55
CA GLU C 312 2.55 -9.80 0.38
C GLU C 312 1.23 -10.27 -0.26
N PHE C 313 0.21 -9.39 -0.27
CA PHE C 313 -1.23 -9.73 -0.46
C PHE C 313 -1.54 -10.16 -1.91
N ASP C 314 -0.87 -9.58 -2.91
CA ASP C 314 -1.05 -9.95 -4.34
C ASP C 314 0.03 -10.97 -4.79
N GLY C 315 0.82 -11.52 -3.86
CA GLY C 315 1.79 -12.60 -4.10
C GLY C 315 3.14 -12.11 -4.62
N SER C 316 3.49 -10.83 -4.38
CA SER C 316 4.78 -10.19 -4.76
C SER C 316 5.62 -9.83 -3.52
N TRP C 328 21.97 -30.83 6.09
CA TRP C 328 22.49 -31.80 7.10
C TRP C 328 23.26 -31.08 8.20
N GLY C 329 22.86 -29.85 8.56
CA GLY C 329 23.68 -28.92 9.35
C GLY C 329 25.02 -28.60 8.69
N LYS C 330 25.18 -28.87 7.37
CA LYS C 330 26.37 -28.49 6.57
C LYS C 330 26.06 -27.23 5.75
N ILE C 331 24.79 -27.01 5.43
CA ILE C 331 24.29 -25.80 4.71
C ILE C 331 23.55 -24.96 5.77
N ARG C 332 23.97 -23.71 5.96
CA ARG C 332 23.27 -22.77 6.86
C ARG C 332 21.87 -22.47 6.29
N VAL C 333 20.86 -22.45 7.15
CA VAL C 333 19.47 -22.11 6.83
C VAL C 333 19.41 -20.66 6.34
N ASP C 334 18.33 -20.36 5.62
CA ASP C 334 17.87 -18.96 5.38
C ASP C 334 17.45 -18.38 6.74
N ALA C 335 18.21 -17.46 7.32
CA ALA C 335 17.79 -16.78 8.58
C ALA C 335 16.50 -16.02 8.29
N GLN C 336 15.68 -15.82 9.32
CA GLN C 336 14.45 -15.00 9.19
C GLN C 336 14.88 -13.58 8.82
N PRO C 337 14.43 -13.04 7.68
CA PRO C 337 14.81 -11.70 7.28
C PRO C 337 14.12 -10.65 8.16
N VAL C 338 14.74 -9.50 8.33
CA VAL C 338 14.07 -8.29 8.85
C VAL C 338 13.56 -7.50 7.65
N LYS C 339 12.28 -7.17 7.66
CA LYS C 339 11.70 -6.29 6.63
C LYS C 339 11.26 -4.98 7.30
N VAL C 340 11.75 -3.87 6.76
CA VAL C 340 11.26 -2.52 7.12
C VAL C 340 10.35 -2.09 5.98
N TYR C 341 9.06 -1.89 6.28
CA TYR C 341 8.08 -1.42 5.28
C TYR C 341 8.17 0.11 5.20
N ALA C 342 9.00 0.59 4.29
CA ALA C 342 9.34 2.03 4.18
C ALA C 342 10.05 2.28 2.86
N ASP C 343 9.91 3.51 2.37
CA ASP C 343 10.72 4.05 1.25
C ASP C 343 12.19 4.05 1.70
N ALA C 344 13.05 3.30 0.98
CA ALA C 344 14.48 3.22 1.29
C ALA C 344 15.15 4.61 1.21
N SER C 345 14.58 5.58 0.47
CA SER C 345 15.16 6.95 0.37
C SER C 345 15.21 7.60 1.76
N LEU C 346 14.28 7.28 2.65
CA LEU C 346 14.25 7.74 4.05
C LEU C 346 15.13 6.87 4.93
N VAL C 347 15.02 5.57 4.80
CA VAL C 347 15.50 4.64 5.85
C VAL C 347 16.97 4.28 5.61
N PHE C 348 17.38 4.12 4.36
CA PHE C 348 18.71 3.54 4.11
C PHE C 348 19.80 4.47 4.65
N PRO C 349 19.76 5.80 4.48
CA PRO C 349 20.84 6.62 5.03
C PRO C 349 20.92 6.52 6.57
N LEU C 350 19.77 6.41 7.23
CA LEU C 350 19.74 6.26 8.72
C LEU C 350 20.40 4.92 9.07
N LEU C 351 20.07 3.88 8.33
CA LEU C 351 20.65 2.54 8.58
C LEU C 351 22.17 2.61 8.44
N VAL C 352 22.64 3.19 7.35
CA VAL C 352 24.10 3.30 7.09
C VAL C 352 24.78 4.14 8.20
N ALA C 353 24.17 5.23 8.62
CA ALA C 353 24.72 6.12 9.67
C ALA C 353 25.01 5.31 10.95
N GLU C 354 24.13 4.38 11.30
CA GLU C 354 24.16 3.68 12.59
C GLU C 354 24.91 2.34 12.45
N THR C 355 25.39 1.99 11.26
CA THR C 355 26.06 0.68 11.03
C THR C 355 27.41 0.89 10.37
N PHE C 356 27.46 0.87 9.05
CA PHE C 356 28.71 0.96 8.27
C PHE C 356 29.50 2.20 8.69
N ALA C 357 28.86 3.37 8.79
CA ALA C 357 29.58 4.63 9.06
C ALA C 357 30.23 4.59 10.47
N GLN C 358 29.72 3.78 11.39
CA GLN C 358 30.26 3.64 12.77
C GLN C 358 31.53 2.78 12.73
N LYS C 359 31.79 2.05 11.65
CA LYS C 359 32.91 1.09 11.56
C LYS C 359 33.87 1.51 10.46
N MET C 360 33.81 2.79 10.06
CA MET C 360 34.67 3.32 8.98
C MET C 360 36.16 3.02 9.29
N ASP C 361 36.58 3.20 10.53
CA ASP C 361 37.99 2.96 10.98
C ASP C 361 38.45 1.54 10.59
N ALA C 362 37.61 0.52 10.81
CA ALA C 362 37.91 -0.89 10.47
C ALA C 362 37.99 -1.12 8.96
N PHE C 363 37.40 -0.28 8.12
CA PHE C 363 37.51 -0.39 6.65
C PHE C 363 38.66 0.50 6.14
N MET C 364 39.33 1.28 6.99
CA MET C 364 40.63 1.92 6.65
C MET C 364 41.76 1.07 7.27
N SER D 29 -21.11 15.50 -18.77
CA SER D 29 -20.37 14.75 -17.70
C SER D 29 -21.20 13.54 -17.26
N THR D 30 -20.53 12.42 -16.97
CA THR D 30 -21.14 11.14 -16.59
C THR D 30 -21.47 11.15 -15.09
N GLN D 31 -22.70 10.79 -14.76
CA GLN D 31 -23.18 10.71 -13.36
C GLN D 31 -22.69 9.40 -12.73
N VAL D 32 -22.30 9.48 -11.47
CA VAL D 32 -21.98 8.30 -10.64
C VAL D 32 -23.27 7.58 -10.30
N ARG D 33 -23.30 6.29 -10.62
CA ARG D 33 -24.47 5.43 -10.35
C ARG D 33 -23.97 4.00 -10.35
N GLY D 34 -24.25 3.25 -9.28
CA GLY D 34 -23.91 1.83 -9.23
C GLY D 34 -24.99 1.00 -9.90
N TYR D 35 -24.66 -0.25 -10.18
CA TYR D 35 -25.62 -1.25 -10.65
C TYR D 35 -26.74 -1.42 -9.62
N ASP D 36 -27.97 -1.40 -10.09
CA ASP D 36 -29.17 -1.57 -9.22
C ASP D 36 -29.62 -3.03 -9.24
N PHE D 37 -29.38 -3.75 -8.14
CA PHE D 37 -29.70 -5.20 -8.10
C PHE D 37 -31.21 -5.44 -8.03
N ASN D 38 -32.05 -4.41 -7.94
CA ASN D 38 -33.50 -4.58 -8.15
C ASN D 38 -33.77 -5.08 -9.58
N ARG D 39 -32.81 -4.86 -10.48
CA ARG D 39 -32.89 -5.30 -11.91
C ARG D 39 -32.54 -6.80 -12.00
N GLY D 40 -32.20 -7.46 -10.90
CA GLY D 40 -31.74 -8.86 -10.89
C GLY D 40 -30.26 -8.91 -11.20
N VAL D 41 -29.72 -10.11 -11.37
CA VAL D 41 -28.29 -10.32 -11.67
C VAL D 41 -28.10 -10.50 -13.18
N ASN D 42 -27.82 -9.39 -13.84
CA ASN D 42 -27.47 -9.35 -15.28
C ASN D 42 -25.97 -9.07 -15.31
N TYR D 43 -25.15 -10.09 -15.50
CA TYR D 43 -23.68 -9.96 -15.35
C TYR D 43 -23.12 -8.93 -16.34
N ARG D 44 -23.59 -8.92 -17.59
CA ARG D 44 -23.02 -7.96 -18.56
C ARG D 44 -23.35 -6.55 -18.12
N ALA D 45 -24.58 -6.30 -17.68
CA ALA D 45 -24.98 -4.96 -17.24
C ALA D 45 -24.21 -4.57 -15.96
N LEU D 46 -24.01 -5.52 -15.05
CA LEU D 46 -23.29 -5.30 -13.75
C LEU D 46 -21.86 -4.88 -14.08
N LEU D 47 -21.20 -5.60 -14.98
CA LEU D 47 -19.80 -5.34 -15.37
C LEU D 47 -19.71 -3.99 -16.10
N GLU D 48 -20.67 -3.66 -16.95
CA GLU D 48 -20.67 -2.32 -17.61
C GLU D 48 -20.85 -1.22 -16.58
N ALA D 49 -21.69 -1.43 -15.55
CA ALA D 49 -21.99 -0.41 -14.53
C ALA D 49 -20.74 -0.08 -13.68
N PHE D 50 -19.71 -0.93 -13.68
CA PHE D 50 -18.42 -0.54 -13.05
C PHE D 50 -17.96 0.82 -13.59
N GLY D 51 -18.18 1.11 -14.88
CA GLY D 51 -17.75 2.36 -15.50
C GLY D 51 -18.26 3.58 -14.81
N THR D 52 -19.46 3.53 -14.23
CA THR D 52 -20.11 4.70 -13.59
C THR D 52 -20.07 4.56 -12.05
N THR D 53 -19.35 3.56 -11.53
CA THR D 53 -19.37 3.28 -10.07
C THR D 53 -18.30 4.13 -9.40
N GLY D 54 -17.19 4.45 -10.09
CA GLY D 54 -16.15 5.29 -9.51
C GLY D 54 -14.97 4.49 -9.02
N PHE D 55 -13.92 5.21 -8.59
CA PHE D 55 -12.66 4.63 -8.08
C PHE D 55 -12.18 3.58 -9.07
N GLN D 56 -11.69 2.44 -8.58
CA GLN D 56 -11.06 1.46 -9.49
C GLN D 56 -12.13 0.77 -10.35
N ALA D 57 -13.39 0.73 -9.95
CA ALA D 57 -14.46 0.19 -10.81
C ALA D 57 -14.47 0.99 -12.12
N THR D 58 -14.40 2.31 -12.05
CA THR D 58 -14.38 3.17 -13.25
C THR D 58 -13.14 2.81 -14.10
N ASN D 59 -11.98 2.64 -13.46
CA ASN D 59 -10.74 2.28 -14.19
C ASN D 59 -10.92 0.93 -14.88
N PHE D 60 -11.58 -0.02 -14.23
CA PHE D 60 -11.89 -1.33 -14.86
C PHE D 60 -12.72 -1.08 -16.14
N GLY D 61 -13.76 -0.25 -16.06
CA GLY D 61 -14.59 0.04 -17.24
C GLY D 61 -13.75 0.67 -18.36
N ARG D 62 -12.82 1.55 -18.01
CA ARG D 62 -11.93 2.19 -19.01
C ARG D 62 -10.98 1.13 -19.60
N ALA D 63 -10.51 0.20 -18.79
CA ALA D 63 -9.62 -0.89 -19.25
C ALA D 63 -10.36 -1.74 -20.27
N VAL D 64 -11.64 -2.07 -20.02
CA VAL D 64 -12.46 -2.86 -20.99
C VAL D 64 -12.53 -2.08 -22.32
N GLN D 65 -12.78 -0.78 -22.28
CA GLN D 65 -12.87 0.09 -23.49
C GLN D 65 -11.54 0.05 -24.25
N GLN D 66 -10.40 0.19 -23.56
CA GLN D 66 -9.06 0.22 -24.19
C GLN D 66 -8.78 -1.14 -24.85
N VAL D 67 -9.07 -2.25 -24.15
CA VAL D 67 -8.76 -3.58 -24.71
C VAL D 67 -9.71 -3.86 -25.90
N ASN D 68 -10.97 -3.47 -25.81
CA ASN D 68 -11.91 -3.69 -26.94
C ASN D 68 -11.44 -2.87 -28.14
N ALA D 69 -10.90 -1.66 -27.93
CA ALA D 69 -10.35 -0.83 -29.02
C ALA D 69 -9.14 -1.55 -29.62
N MET D 70 -8.29 -2.17 -28.80
CA MET D 70 -7.11 -2.94 -29.25
C MET D 70 -7.57 -4.07 -30.17
N ILE D 71 -8.56 -4.81 -29.71
CA ILE D 71 -9.06 -6.02 -30.41
C ILE D 71 -9.67 -5.59 -31.74
N GLU D 72 -10.48 -4.52 -31.74
CA GLU D 72 -11.16 -4.05 -32.96
C GLU D 72 -10.08 -3.63 -33.96
N LYS D 73 -9.01 -2.99 -33.48
CA LYS D 73 -7.90 -2.59 -34.35
C LYS D 73 -7.24 -3.83 -34.92
N LYS D 74 -6.92 -4.79 -34.06
CA LYS D 74 -6.22 -6.03 -34.49
C LYS D 74 -7.03 -6.75 -35.58
N LEU D 75 -8.36 -6.73 -35.48
CA LEU D 75 -9.22 -7.48 -36.45
C LEU D 75 -9.40 -6.68 -37.76
N GLU D 76 -8.97 -5.43 -37.85
CA GLU D 76 -9.00 -4.68 -39.15
C GLU D 76 -8.09 -5.37 -40.16
N PRO D 77 -8.61 -5.65 -41.37
CA PRO D 77 -7.80 -6.32 -42.41
C PRO D 77 -6.61 -5.43 -42.76
N LEU D 78 -5.47 -6.07 -43.01
CA LEU D 78 -4.20 -5.40 -43.35
C LEU D 78 -4.02 -5.38 -44.87
N SER D 79 -3.46 -4.31 -45.42
CA SER D 79 -3.11 -4.18 -46.87
C SER D 79 -1.82 -4.97 -47.14
N HIS D 85 8.43 -8.33 -44.19
CA HIS D 85 8.21 -8.18 -42.72
C HIS D 85 9.00 -9.30 -42.02
N ALA D 86 8.89 -10.54 -42.53
CA ALA D 86 9.51 -11.77 -41.96
C ALA D 86 11.04 -11.65 -41.97
N ASP D 87 11.62 -11.05 -43.01
CA ASP D 87 13.10 -10.85 -43.17
C ASP D 87 13.58 -9.72 -42.25
N LEU D 88 12.70 -8.77 -41.90
CA LEU D 88 13.03 -7.62 -41.01
C LEU D 88 12.89 -8.04 -39.53
N THR D 89 11.85 -8.81 -39.19
CA THR D 89 11.52 -9.27 -37.80
C THR D 89 12.28 -10.56 -37.46
N GLN D 90 12.76 -11.31 -38.47
CA GLN D 90 13.34 -12.67 -38.29
C GLN D 90 12.34 -13.54 -37.50
N SER D 91 11.04 -13.41 -37.82
CA SER D 91 9.91 -14.13 -37.17
C SER D 91 9.00 -14.74 -38.24
N ARG D 92 8.36 -15.88 -37.92
CA ARG D 92 7.38 -16.58 -38.81
C ARG D 92 5.97 -16.05 -38.53
N ARG D 93 5.79 -15.12 -37.58
CA ARG D 93 4.42 -14.67 -37.20
C ARG D 93 3.93 -13.60 -38.18
N PRO D 94 2.76 -13.80 -38.83
CA PRO D 94 2.21 -12.79 -39.72
C PRO D 94 1.72 -11.55 -38.96
N LEU D 95 1.98 -10.39 -39.56
CA LEU D 95 1.56 -9.08 -39.03
C LEU D 95 0.04 -9.02 -38.98
N THR D 96 -0.52 -8.38 -37.96
CA THR D 96 -1.96 -7.99 -37.88
C THR D 96 -1.99 -6.49 -37.79
N SER D 97 -3.18 -5.90 -37.73
CA SER D 97 -3.34 -4.44 -37.62
C SER D 97 -3.01 -3.93 -36.20
N CYS D 98 -2.82 -4.79 -35.22
CA CYS D 98 -2.39 -4.36 -33.85
C CYS D 98 -1.60 -5.47 -33.18
N THR D 99 -0.34 -5.19 -32.87
CA THR D 99 0.56 -6.13 -32.19
C THR D 99 0.36 -5.91 -30.67
N ILE D 100 -0.13 -6.93 -29.98
CA ILE D 100 -0.42 -6.83 -28.52
C ILE D 100 0.66 -7.54 -27.73
N PHE D 101 1.30 -6.77 -26.85
CA PHE D 101 2.31 -7.27 -25.89
C PHE D 101 1.60 -7.59 -24.57
N LEU D 102 1.73 -8.80 -24.10
CA LEU D 102 1.13 -9.23 -22.81
C LEU D 102 2.29 -9.50 -21.85
N GLY D 103 2.43 -8.65 -20.85
CA GLY D 103 3.48 -8.79 -19.85
C GLY D 103 2.87 -9.17 -18.51
N TYR D 104 3.53 -10.02 -17.75
CA TYR D 104 2.97 -10.51 -16.47
C TYR D 104 4.11 -10.96 -15.59
N THR D 105 3.94 -10.72 -14.29
CA THR D 105 4.86 -11.19 -13.23
C THR D 105 4.66 -12.71 -13.04
N SER D 106 5.72 -13.38 -12.62
CA SER D 106 5.75 -14.85 -12.38
CA SER D 106 5.74 -14.85 -12.39
C SER D 106 4.63 -15.28 -11.42
N ASN D 107 4.35 -14.49 -10.38
CA ASN D 107 3.32 -14.86 -9.39
C ASN D 107 1.99 -15.14 -10.10
N LEU D 108 1.69 -14.44 -11.21
CA LEU D 108 0.41 -14.66 -11.90
C LEU D 108 0.38 -16.04 -12.60
N ILE D 109 1.54 -16.53 -13.00
CA ILE D 109 1.65 -17.91 -13.56
C ILE D 109 1.44 -18.96 -12.46
N SER D 110 1.84 -18.69 -11.21
CA SER D 110 1.54 -19.59 -10.06
C SER D 110 0.04 -19.59 -9.77
N SER D 111 -0.63 -18.46 -9.96
CA SER D 111 -2.09 -18.33 -9.78
C SER D 111 -2.83 -19.01 -10.95
N GLY D 112 -4.15 -19.04 -10.85
CA GLY D 112 -5.09 -19.53 -11.88
C GLY D 112 -5.13 -18.62 -13.10
N ILE D 113 -4.50 -17.44 -13.03
CA ILE D 113 -4.38 -16.54 -14.20
C ILE D 113 -3.54 -17.21 -15.28
N ARG D 114 -2.73 -18.19 -14.91
CA ARG D 114 -2.05 -19.09 -15.88
C ARG D 114 -3.07 -19.60 -16.90
N GLU D 115 -4.26 -20.01 -16.48
CA GLU D 115 -5.30 -20.51 -17.43
C GLU D 115 -5.75 -19.40 -18.34
N THR D 116 -5.94 -18.19 -17.81
CA THR D 116 -6.44 -17.04 -18.58
C THR D 116 -5.39 -16.68 -19.65
N ILE D 117 -4.14 -16.62 -19.26
CA ILE D 117 -3.01 -16.32 -20.20
C ILE D 117 -2.93 -17.43 -21.25
N ARG D 118 -2.99 -18.69 -20.83
CA ARG D 118 -2.90 -19.83 -21.78
C ARG D 118 -4.00 -19.68 -22.83
N TYR D 119 -5.23 -19.37 -22.43
CA TYR D 119 -6.36 -19.19 -23.37
C TYR D 119 -6.02 -18.14 -24.43
N LEU D 120 -5.53 -16.98 -24.02
CA LEU D 120 -5.23 -15.88 -24.99
C LEU D 120 -4.15 -16.34 -25.96
N VAL D 121 -3.14 -17.03 -25.47
CA VAL D 121 -2.00 -17.48 -26.30
C VAL D 121 -2.47 -18.59 -27.26
N GLN D 122 -3.24 -19.55 -26.74
CA GLN D 122 -3.83 -20.67 -27.52
C GLN D 122 -4.55 -20.12 -28.75
N HIS D 123 -5.31 -19.03 -28.63
CA HIS D 123 -6.17 -18.52 -29.73
C HIS D 123 -5.50 -17.36 -30.47
N ASN D 124 -4.19 -17.15 -30.29
CA ASN D 124 -3.44 -16.12 -31.05
C ASN D 124 -4.05 -14.73 -30.82
N MET D 125 -4.51 -14.46 -29.61
CA MET D 125 -5.17 -13.16 -29.32
C MET D 125 -4.14 -12.11 -28.93
N VAL D 126 -2.95 -12.54 -28.56
CA VAL D 126 -1.81 -11.63 -28.26
C VAL D 126 -0.62 -12.10 -29.11
N ASP D 127 0.39 -11.24 -29.25
CA ASP D 127 1.49 -11.42 -30.22
C ASP D 127 2.83 -11.65 -29.54
N VAL D 128 3.04 -11.10 -28.34
CA VAL D 128 4.34 -11.16 -27.64
C VAL D 128 4.07 -11.33 -26.14
N LEU D 129 4.83 -12.20 -25.49
CA LEU D 129 4.79 -12.36 -24.02
C LEU D 129 6.09 -11.80 -23.44
N VAL D 130 5.97 -11.17 -22.27
CA VAL D 130 7.14 -10.76 -21.46
C VAL D 130 6.87 -11.17 -20.02
N THR D 131 7.83 -11.81 -19.37
CA THR D 131 7.63 -12.19 -17.96
C THR D 131 8.91 -11.98 -17.15
N THR D 132 8.84 -12.34 -15.88
CA THR D 132 9.88 -12.09 -14.85
C THR D 132 10.38 -13.44 -14.33
N ALA D 133 11.36 -13.42 -13.45
CA ALA D 133 11.99 -14.65 -12.89
C ALA D 133 10.93 -15.58 -12.32
N GLY D 134 10.95 -16.85 -12.73
CA GLY D 134 10.01 -17.89 -12.31
C GLY D 134 8.87 -18.05 -13.27
N GLY D 135 8.60 -17.07 -14.15
CA GLY D 135 7.34 -17.04 -14.94
C GLY D 135 7.28 -18.13 -16.02
N VAL D 136 8.43 -18.70 -16.37
CA VAL D 136 8.51 -19.81 -17.36
C VAL D 136 8.34 -21.14 -16.62
N GLU D 137 9.20 -21.41 -15.65
CA GLU D 137 9.22 -22.76 -14.99
C GLU D 137 7.92 -23.01 -14.22
N GLU D 138 7.26 -22.00 -13.64
CA GLU D 138 6.03 -22.25 -12.86
C GLU D 138 4.93 -22.76 -13.80
N ASP D 139 4.95 -22.39 -15.08
CA ASP D 139 3.96 -22.94 -16.05
C ASP D 139 4.29 -24.41 -16.36
N LEU D 140 5.55 -24.72 -16.58
CA LEU D 140 6.02 -26.06 -17.00
C LEU D 140 5.81 -27.03 -15.83
N ILE D 141 6.17 -26.62 -14.63
CA ILE D 141 6.05 -27.46 -13.41
C ILE D 141 4.58 -27.88 -13.21
N LYS D 142 3.62 -26.98 -13.50
CA LYS D 142 2.18 -27.29 -13.32
C LYS D 142 1.75 -28.41 -14.28
N CYS D 143 2.49 -28.66 -15.35
CA CYS D 143 2.21 -29.81 -16.26
C CYS D 143 2.66 -31.13 -15.62
N LEU D 144 3.51 -31.10 -14.59
CA LEU D 144 4.09 -32.30 -13.92
C LEU D 144 3.42 -32.55 -12.58
N ALA D 145 2.98 -31.50 -11.88
CA ALA D 145 2.36 -31.61 -10.55
C ALA D 145 1.64 -30.31 -10.24
N PRO D 146 0.53 -30.34 -9.49
CA PRO D 146 -0.25 -29.14 -9.22
C PRO D 146 0.34 -28.23 -8.13
N THR D 147 -0.07 -26.97 -8.21
CA THR D 147 0.07 -25.94 -7.17
C THR D 147 -1.22 -25.99 -6.32
N TYR D 148 -1.10 -25.76 -5.02
CA TYR D 148 -2.23 -25.87 -4.06
C TYR D 148 -2.50 -24.52 -3.39
N LEU D 149 -3.72 -24.34 -2.94
CA LEU D 149 -4.13 -23.22 -2.05
C LEU D 149 -3.60 -23.52 -0.65
N GLY D 150 -2.95 -22.56 -0.01
CA GLY D 150 -2.67 -22.56 1.44
C GLY D 150 -3.59 -21.58 2.14
N GLU D 151 -3.02 -20.57 2.83
CA GLU D 151 -3.75 -19.49 3.56
C GLU D 151 -2.97 -18.16 3.49
N GLY D 163 8.74 -29.21 3.26
CA GLY D 163 9.28 -28.89 1.92
C GLY D 163 8.20 -28.31 1.01
N ILE D 164 7.89 -27.02 1.22
CA ILE D 164 6.85 -26.25 0.49
C ILE D 164 7.39 -24.87 0.13
N ASN D 165 7.25 -24.46 -1.13
CA ASN D 165 7.51 -23.08 -1.58
C ASN D 165 6.19 -22.30 -1.44
N ARG D 166 6.14 -21.26 -0.61
CA ARG D 166 4.94 -20.40 -0.44
C ARG D 166 5.06 -19.21 -1.41
N ILE D 167 4.03 -19.02 -2.23
CA ILE D 167 3.89 -17.82 -3.11
C ILE D 167 2.55 -17.19 -2.75
N GLY D 168 2.58 -16.13 -1.94
CA GLY D 168 1.40 -15.53 -1.31
C GLY D 168 0.63 -16.60 -0.57
N ASN D 169 -0.61 -16.90 -0.96
CA ASN D 169 -1.46 -17.92 -0.29
C ASN D 169 -1.43 -19.23 -1.08
N LEU D 170 -0.44 -19.42 -1.96
CA LEU D 170 -0.26 -20.65 -2.78
C LEU D 170 0.93 -21.45 -2.26
N LEU D 171 0.88 -22.76 -2.50
CA LEU D 171 1.90 -23.74 -2.03
C LEU D 171 2.37 -24.58 -3.22
N VAL D 172 3.68 -24.58 -3.46
CA VAL D 172 4.30 -25.46 -4.48
C VAL D 172 5.18 -26.46 -3.75
N PRO D 173 4.78 -27.74 -3.63
CA PRO D 173 5.61 -28.73 -2.95
C PRO D 173 6.99 -28.81 -3.62
N ASN D 174 8.05 -28.90 -2.81
CA ASN D 174 9.46 -28.98 -3.29
C ASN D 174 9.61 -30.14 -4.28
N GLU D 175 8.84 -31.22 -4.12
CA GLU D 175 8.88 -32.38 -5.05
C GLU D 175 8.53 -31.93 -6.49
N ASN D 176 7.69 -30.91 -6.65
CA ASN D 176 7.32 -30.39 -8.00
C ASN D 176 8.60 -29.95 -8.73
N TYR D 177 9.50 -29.27 -8.01
CA TYR D 177 10.77 -28.76 -8.57
C TYR D 177 11.69 -29.95 -8.90
N CYS D 178 11.67 -31.00 -8.09
CA CYS D 178 12.49 -32.22 -8.32
C CYS D 178 12.03 -32.90 -9.62
N LYS D 179 10.73 -33.08 -9.81
CA LYS D 179 10.17 -33.66 -11.06
C LYS D 179 10.58 -32.77 -12.24
N PHE D 180 10.54 -31.45 -12.08
CA PHE D 180 10.92 -30.53 -13.17
C PHE D 180 12.40 -30.69 -13.50
N GLU D 181 13.25 -30.74 -12.49
CA GLU D 181 14.71 -30.89 -12.70
C GLU D 181 14.99 -32.19 -13.50
N ASP D 182 14.34 -33.30 -13.14
CA ASP D 182 14.51 -34.62 -13.81
C ASP D 182 14.11 -34.48 -15.29
N TRP D 183 13.02 -33.77 -15.56
CA TRP D 183 12.50 -33.54 -16.92
C TRP D 183 13.46 -32.64 -17.70
N LEU D 184 14.04 -31.65 -17.04
CA LEU D 184 14.82 -30.57 -17.72
C LEU D 184 16.22 -31.05 -18.15
N MET D 185 16.92 -31.78 -17.30
CA MET D 185 18.38 -32.08 -17.50
C MET D 185 18.66 -32.66 -18.90
N PRO D 186 17.92 -33.68 -19.38
CA PRO D 186 18.13 -34.20 -20.74
C PRO D 186 17.94 -33.15 -21.84
N ILE D 187 17.00 -32.22 -21.65
CA ILE D 187 16.77 -31.15 -22.65
C ILE D 187 17.99 -30.22 -22.68
N LEU D 188 18.51 -29.85 -21.50
CA LEU D 188 19.73 -29.02 -21.41
C LEU D 188 20.89 -29.73 -22.13
N ASP D 189 21.04 -31.05 -21.95
CA ASP D 189 22.09 -31.85 -22.66
C ASP D 189 21.94 -31.67 -24.18
N GLN D 190 20.72 -31.82 -24.70
CA GLN D 190 20.46 -31.65 -26.16
C GLN D 190 20.78 -30.22 -26.56
N MET D 191 20.41 -29.22 -25.74
CA MET D 191 20.63 -27.80 -26.10
C MET D 191 22.13 -27.53 -26.23
N VAL D 192 22.94 -28.05 -25.31
CA VAL D 192 24.41 -27.81 -25.36
C VAL D 192 24.98 -28.52 -26.60
N MET D 193 24.55 -29.75 -26.87
CA MET D 193 25.02 -30.50 -28.06
C MET D 193 24.67 -29.70 -29.32
N GLU D 194 23.46 -29.16 -29.42
CA GLU D 194 23.01 -28.42 -30.63
C GLU D 194 23.82 -27.14 -30.76
N GLN D 195 24.17 -26.52 -29.65
CA GLN D 195 25.00 -25.30 -29.68
C GLN D 195 26.35 -25.67 -30.28
N ASN D 196 26.93 -26.77 -29.80
CA ASN D 196 28.35 -27.13 -30.04
C ASN D 196 28.48 -27.82 -31.40
N THR D 197 27.45 -28.48 -31.93
CA THR D 197 27.54 -29.26 -33.20
C THR D 197 26.68 -28.66 -34.32
N GLU D 198 25.61 -27.89 -34.03
CA GLU D 198 24.69 -27.42 -35.10
C GLU D 198 24.62 -25.88 -35.13
N GLY D 199 25.56 -25.21 -34.48
CA GLY D 199 25.71 -23.74 -34.50
C GLY D 199 24.51 -22.99 -33.89
N VAL D 200 23.69 -23.60 -33.04
CA VAL D 200 22.52 -22.88 -32.43
C VAL D 200 23.05 -21.80 -31.48
N LYS D 201 22.53 -20.59 -31.61
CA LYS D 201 22.85 -19.44 -30.74
C LYS D 201 21.63 -19.21 -29.84
N TRP D 202 21.66 -19.80 -28.66
CA TRP D 202 20.51 -19.75 -27.72
C TRP D 202 20.35 -18.34 -27.16
N THR D 203 19.10 -17.98 -26.95
CA THR D 203 18.63 -16.77 -26.24
C THR D 203 17.53 -17.25 -25.30
N PRO D 204 17.12 -16.43 -24.31
CA PRO D 204 15.99 -16.83 -23.47
C PRO D 204 14.75 -17.18 -24.31
N SER D 205 14.37 -16.37 -25.31
CA SER D 205 13.14 -16.65 -26.11
C SER D 205 13.28 -18.02 -26.82
N LYS D 206 14.43 -18.34 -27.37
CA LYS D 206 14.62 -19.65 -28.08
C LYS D 206 14.58 -20.80 -27.09
N MET D 207 15.14 -20.62 -25.90
CA MET D 207 15.06 -21.66 -24.86
C MET D 207 13.63 -21.85 -24.42
N ILE D 208 12.87 -20.77 -24.22
CA ILE D 208 11.47 -20.88 -23.72
C ILE D 208 10.63 -21.61 -24.78
N ALA D 209 10.81 -21.29 -26.06
CA ALA D 209 10.12 -21.98 -27.17
C ALA D 209 10.44 -23.49 -27.15
N ARG D 210 11.71 -23.85 -26.96
CA ARG D 210 12.14 -25.26 -26.87
C ARG D 210 11.46 -25.93 -25.67
N LEU D 211 11.46 -25.29 -24.50
CA LEU D 211 10.83 -25.93 -23.30
C LEU D 211 9.33 -26.13 -23.55
N GLY D 212 8.68 -25.15 -24.21
CA GLY D 212 7.24 -25.26 -24.53
C GLY D 212 6.98 -26.43 -25.49
N LYS D 213 7.83 -26.59 -26.49
CA LYS D 213 7.74 -27.70 -27.46
C LYS D 213 7.90 -29.02 -26.69
N GLU D 214 8.89 -29.10 -25.81
CA GLU D 214 9.18 -30.33 -25.06
C GLU D 214 8.04 -30.66 -24.10
N ILE D 215 7.40 -29.66 -23.46
CA ILE D 215 6.37 -30.00 -22.45
C ILE D 215 5.18 -30.63 -23.18
N ASN D 216 4.90 -30.19 -24.39
CA ASN D 216 3.96 -30.87 -25.32
C ASN D 216 2.62 -31.12 -24.63
N ASN D 217 2.06 -30.09 -24.00
CA ASN D 217 0.90 -30.23 -23.09
C ASN D 217 0.03 -29.00 -23.28
N PRO D 218 -1.24 -29.17 -23.73
CA PRO D 218 -2.09 -28.04 -24.07
C PRO D 218 -2.57 -27.21 -22.86
N GLU D 219 -2.17 -27.58 -21.64
CA GLU D 219 -2.42 -26.75 -20.44
C GLU D 219 -1.32 -25.69 -20.28
N SER D 220 -0.23 -25.81 -21.03
CA SER D 220 0.97 -24.96 -20.88
C SER D 220 0.83 -23.70 -21.74
N VAL D 221 1.05 -22.54 -21.12
CA VAL D 221 1.16 -21.26 -21.86
C VAL D 221 2.25 -21.42 -22.93
N TYR D 222 3.42 -21.95 -22.57
CA TYR D 222 4.64 -21.90 -23.43
C TYR D 222 4.52 -22.94 -24.53
N TYR D 223 3.79 -24.03 -24.30
CA TYR D 223 3.42 -24.97 -25.39
C TYR D 223 2.70 -24.19 -26.48
N TRP D 224 1.64 -23.47 -26.12
CA TRP D 224 0.83 -22.71 -27.12
C TRP D 224 1.64 -21.57 -27.74
N ALA D 225 2.48 -20.87 -26.97
CA ALA D 225 3.26 -19.75 -27.51
C ALA D 225 4.15 -20.27 -28.65
N GLN D 226 4.88 -21.36 -28.44
CA GLN D 226 5.82 -21.84 -29.49
C GLN D 226 4.98 -22.39 -30.64
N LYS D 227 3.86 -23.05 -30.36
CA LYS D 227 3.00 -23.62 -31.43
C LYS D 227 2.50 -22.50 -32.32
N ASN D 228 2.17 -21.34 -31.72
CA ASN D 228 1.54 -20.20 -32.42
C ASN D 228 2.57 -19.15 -32.81
N HIS D 229 3.87 -19.39 -32.64
CA HIS D 229 4.96 -18.47 -33.04
C HIS D 229 4.82 -17.14 -32.29
N ILE D 230 4.43 -17.22 -31.01
CA ILE D 230 4.38 -16.05 -30.09
C ILE D 230 5.69 -16.10 -29.28
N PRO D 231 6.63 -15.16 -29.52
CA PRO D 231 7.89 -15.17 -28.79
C PRO D 231 7.64 -14.75 -27.32
N VAL D 232 8.47 -15.28 -26.44
CA VAL D 232 8.44 -15.01 -24.99
C VAL D 232 9.81 -14.42 -24.62
N PHE D 233 9.81 -13.21 -24.04
CA PHE D 233 11.03 -12.53 -23.59
C PHE D 233 11.14 -12.58 -22.06
N SER D 234 12.31 -12.95 -21.57
CA SER D 234 12.60 -13.03 -20.13
C SER D 234 14.10 -12.98 -19.87
N PRO D 235 14.72 -11.78 -19.82
CA PRO D 235 16.12 -11.67 -19.43
C PRO D 235 16.40 -12.26 -18.04
N ALA D 236 15.39 -12.26 -17.15
CA ALA D 236 15.46 -12.76 -15.77
C ALA D 236 15.21 -14.28 -15.72
N LEU D 237 15.21 -14.97 -16.86
CA LEU D 237 14.92 -16.42 -16.97
C LEU D 237 15.71 -17.25 -15.93
N THR D 238 16.94 -16.87 -15.63
CA THR D 238 17.86 -17.70 -14.78
C THR D 238 17.95 -17.16 -13.35
N ASP D 239 17.10 -16.23 -12.92
CA ASP D 239 17.27 -15.59 -11.60
C ASP D 239 16.71 -16.46 -10.46
N GLY D 240 15.88 -17.45 -10.79
CA GLY D 240 15.14 -18.31 -9.85
C GLY D 240 15.52 -19.79 -9.98
N SER D 241 14.55 -20.69 -9.77
CA SER D 241 14.79 -22.16 -9.69
CA SER D 241 14.84 -22.15 -9.66
C SER D 241 15.35 -22.68 -11.01
N LEU D 242 14.79 -22.26 -12.14
CA LEU D 242 15.32 -22.70 -13.45
C LEU D 242 16.79 -22.33 -13.54
N GLY D 243 17.16 -21.13 -13.08
CA GLY D 243 18.58 -20.74 -13.04
C GLY D 243 19.41 -21.70 -12.18
N ASP D 244 18.94 -22.05 -10.99
CA ASP D 244 19.66 -22.99 -10.09
C ASP D 244 19.96 -24.29 -10.87
N MET D 245 19.00 -24.77 -11.66
CA MET D 245 19.12 -26.05 -12.41
C MET D 245 20.08 -25.87 -13.60
N ILE D 246 20.01 -24.75 -14.31
CA ILE D 246 20.97 -24.47 -15.42
C ILE D 246 22.38 -24.41 -14.83
N PHE D 247 22.51 -23.77 -13.67
CA PHE D 247 23.82 -23.62 -13.01
C PHE D 247 24.37 -25.01 -12.67
N PHE D 248 23.57 -25.82 -11.99
CA PHE D 248 23.90 -27.21 -11.59
C PHE D 248 24.35 -27.99 -12.84
N HIS D 249 23.56 -27.91 -13.90
CA HIS D 249 23.82 -28.61 -15.18
C HIS D 249 25.18 -28.18 -15.76
N SER D 250 25.56 -26.91 -15.60
CA SER D 250 26.78 -26.33 -16.22
C SER D 250 28.06 -26.98 -15.66
N TYR D 251 28.02 -27.59 -14.46
CA TYR D 251 29.20 -28.28 -13.89
C TYR D 251 29.58 -29.49 -14.76
N LYS D 252 28.60 -30.36 -14.99
CA LYS D 252 28.78 -31.62 -15.75
C LYS D 252 28.80 -31.31 -17.25
N ASN D 253 28.14 -30.24 -17.71
CA ASN D 253 28.00 -30.00 -19.16
C ASN D 253 28.16 -28.50 -19.45
N PRO D 254 29.39 -27.96 -19.33
CA PRO D 254 29.61 -26.51 -19.37
C PRO D 254 29.43 -25.87 -20.74
N GLY D 255 29.22 -24.54 -20.73
CA GLY D 255 29.35 -23.61 -21.87
C GLY D 255 28.04 -23.23 -22.55
N LEU D 256 26.88 -23.56 -21.98
CA LEU D 256 25.59 -23.00 -22.51
C LEU D 256 25.70 -21.47 -22.47
N VAL D 257 25.41 -20.84 -23.60
CA VAL D 257 25.31 -19.36 -23.73
C VAL D 257 23.85 -19.01 -23.94
N LEU D 258 23.35 -18.04 -23.17
CA LEU D 258 22.04 -17.40 -23.43
C LEU D 258 22.33 -15.93 -23.67
N ASP D 259 22.22 -15.51 -24.92
CA ASP D 259 22.49 -14.12 -25.35
C ASP D 259 21.21 -13.28 -25.16
N ILE D 260 21.30 -12.12 -24.51
CA ILE D 260 20.13 -11.20 -24.39
C ILE D 260 20.09 -10.21 -25.55
N VAL D 261 21.21 -9.96 -26.25
CA VAL D 261 21.24 -8.91 -27.30
C VAL D 261 20.39 -9.34 -28.51
N GLU D 262 20.44 -10.61 -28.90
CA GLU D 262 19.61 -11.07 -30.03
C GLU D 262 18.13 -10.93 -29.63
N ASP D 263 17.78 -11.22 -28.38
CA ASP D 263 16.37 -11.05 -27.89
C ASP D 263 16.01 -9.56 -27.88
N LEU D 264 16.95 -8.69 -27.47
CA LEU D 264 16.76 -7.23 -27.55
C LEU D 264 16.32 -6.85 -28.98
N ARG D 265 17.00 -7.38 -30.00
CA ARG D 265 16.66 -7.07 -31.42
C ARG D 265 15.30 -7.68 -31.77
N LEU D 266 15.02 -8.90 -31.36
CA LEU D 266 13.73 -9.56 -31.73
C LEU D 266 12.55 -8.82 -31.09
N ILE D 267 12.61 -8.45 -29.80
CA ILE D 267 11.43 -7.77 -29.17
C ILE D 267 11.26 -6.40 -29.85
N ASN D 268 12.34 -5.67 -30.11
CA ASN D 268 12.27 -4.36 -30.77
C ASN D 268 11.67 -4.47 -32.18
N THR D 269 12.05 -5.47 -32.94
CA THR D 269 11.52 -5.59 -34.34
C THR D 269 10.01 -5.87 -34.26
N GLN D 270 9.50 -6.53 -33.21
CA GLN D 270 8.03 -6.72 -33.03
C GLN D 270 7.37 -5.35 -32.89
N ALA D 271 7.99 -4.42 -32.15
CA ALA D 271 7.42 -3.09 -31.91
C ALA D 271 7.61 -2.17 -33.12
N ILE D 272 8.74 -2.30 -33.81
CA ILE D 272 9.12 -1.38 -34.92
C ILE D 272 8.25 -1.66 -36.15
N PHE D 273 8.02 -2.92 -36.46
CA PHE D 273 7.24 -3.34 -37.66
C PHE D 273 5.74 -3.42 -37.37
N ALA D 274 5.31 -3.09 -36.16
CA ALA D 274 3.88 -3.06 -35.79
C ALA D 274 3.20 -1.91 -36.56
N LYS D 275 2.02 -2.15 -37.13
CA LYS D 275 1.19 -1.02 -37.65
C LYS D 275 0.69 -0.21 -36.46
N CYS D 276 0.30 -0.91 -35.39
CA CYS D 276 -0.26 -0.34 -34.15
C CYS D 276 0.22 -1.21 -32.99
N THR D 277 0.37 -0.66 -31.79
CA THR D 277 0.89 -1.41 -30.62
C THR D 277 -0.12 -1.31 -29.48
N GLY D 278 -0.47 -2.46 -28.90
CA GLY D 278 -1.22 -2.51 -27.62
C GLY D 278 -0.40 -3.18 -26.56
N MET D 279 -0.56 -2.75 -25.31
CA MET D 279 0.13 -3.36 -24.15
C MET D 279 -0.90 -3.68 -23.07
N ILE D 280 -0.82 -4.90 -22.56
CA ILE D 280 -1.58 -5.37 -21.37
C ILE D 280 -0.53 -5.87 -20.40
N ILE D 281 -0.33 -5.14 -19.31
CA ILE D 281 0.81 -5.40 -18.38
C ILE D 281 0.22 -5.68 -17.00
N LEU D 282 0.52 -6.86 -16.47
CA LEU D 282 -0.11 -7.38 -15.23
C LEU D 282 0.94 -7.57 -14.15
N GLY D 283 0.58 -7.21 -12.92
CA GLY D 283 1.30 -7.65 -11.71
C GLY D 283 2.41 -6.70 -11.35
N GLY D 284 2.80 -5.79 -12.23
CA GLY D 284 3.93 -4.88 -11.93
C GLY D 284 4.45 -4.29 -13.22
N GLY D 285 5.53 -3.51 -13.16
CA GLY D 285 6.06 -2.76 -14.31
C GLY D 285 6.96 -3.63 -15.19
N VAL D 286 6.44 -4.73 -15.69
CA VAL D 286 7.21 -5.73 -16.48
C VAL D 286 7.76 -5.01 -17.73
N VAL D 287 6.97 -4.12 -18.28
CA VAL D 287 7.32 -3.26 -19.45
C VAL D 287 6.85 -1.85 -19.10
N LYS D 288 7.76 -0.88 -19.09
CA LYS D 288 7.42 0.55 -18.86
C LYS D 288 6.67 1.04 -20.09
N HIS D 289 5.69 1.90 -19.87
CA HIS D 289 4.73 2.35 -20.91
C HIS D 289 5.44 3.17 -22.02
N HIS D 290 6.39 4.03 -21.68
CA HIS D 290 7.07 4.92 -22.66
C HIS D 290 7.99 4.09 -23.59
N ILE D 291 7.54 3.74 -24.80
CA ILE D 291 8.39 3.02 -25.78
C ILE D 291 8.64 3.90 -27.02
N ALA D 292 7.93 5.01 -27.21
CA ALA D 292 8.04 5.85 -28.41
C ALA D 292 9.52 6.25 -28.55
N ASN D 293 10.10 6.00 -29.72
CA ASN D 293 11.51 6.36 -29.98
C ASN D 293 11.64 6.65 -31.48
N ALA D 294 11.72 7.93 -31.82
CA ALA D 294 11.71 8.42 -33.22
C ALA D 294 12.90 7.81 -33.97
N ASN D 295 14.08 7.81 -33.38
CA ASN D 295 15.31 7.32 -34.05
C ASN D 295 15.21 5.83 -34.33
N LEU D 296 14.52 5.07 -33.48
CA LEU D 296 14.36 3.61 -33.70
C LEU D 296 13.14 3.32 -34.57
N MET D 297 12.38 4.33 -35.00
CA MET D 297 11.15 4.17 -35.80
C MET D 297 10.15 3.34 -34.97
N ARG D 298 10.14 3.52 -33.65
CA ARG D 298 9.33 2.69 -32.71
C ARG D 298 8.20 3.57 -32.22
N ASN D 299 6.99 3.32 -32.66
CA ASN D 299 5.81 4.08 -32.15
C ASN D 299 5.52 3.72 -30.69
N GLY D 300 5.02 4.72 -29.98
CA GLY D 300 4.36 4.54 -28.68
C GLY D 300 3.20 3.58 -28.83
N ALA D 301 2.75 2.97 -27.72
CA ALA D 301 1.51 2.16 -27.72
C ALA D 301 0.32 3.08 -27.99
N ASP D 302 -0.59 2.68 -28.87
CA ASP D 302 -1.88 3.38 -29.07
C ASP D 302 -2.83 3.01 -27.92
N TYR D 303 -2.65 1.85 -27.30
CA TYR D 303 -3.54 1.34 -26.21
C TYR D 303 -2.70 0.66 -25.16
N ALA D 304 -2.98 0.93 -23.88
CA ALA D 304 -2.17 0.37 -22.79
C ALA D 304 -3.05 0.23 -21.55
N VAL D 305 -3.04 -0.96 -20.99
CA VAL D 305 -3.69 -1.29 -19.70
C VAL D 305 -2.67 -1.90 -18.76
N TYR D 306 -2.61 -1.36 -17.56
CA TYR D 306 -1.79 -1.85 -16.44
C TYR D 306 -2.74 -2.26 -15.31
N ILE D 307 -2.57 -3.47 -14.81
CA ILE D 307 -3.33 -3.96 -13.61
C ILE D 307 -2.30 -4.41 -12.59
N ASN D 308 -2.21 -3.69 -11.48
CA ASN D 308 -1.28 -4.07 -10.39
C ASN D 308 -1.64 -3.29 -9.13
N THR D 309 -1.04 -3.65 -8.00
CA THR D 309 -1.23 -2.96 -6.69
C THR D 309 0.03 -2.18 -6.30
N ALA D 310 0.94 -1.86 -7.24
CA ALA D 310 2.14 -1.06 -6.93
C ALA D 310 1.74 0.40 -6.71
N GLN D 311 2.44 1.07 -5.78
CA GLN D 311 2.25 2.51 -5.45
C GLN D 311 3.38 3.32 -6.10
N GLU D 312 3.08 4.59 -6.42
CA GLU D 312 3.97 5.50 -7.21
C GLU D 312 4.90 6.30 -6.28
N PHE D 313 4.62 6.30 -4.97
CA PHE D 313 5.17 7.23 -3.94
C PHE D 313 6.66 6.96 -3.66
N ASP D 314 7.15 5.72 -3.76
CA ASP D 314 8.59 5.38 -3.59
C ASP D 314 9.33 5.34 -4.94
N GLY D 315 8.68 5.74 -6.05
CA GLY D 315 9.29 5.89 -7.39
C GLY D 315 9.39 4.57 -8.17
N SER D 316 8.49 3.62 -7.89
CA SER D 316 8.35 2.32 -8.60
C SER D 316 7.74 2.50 -10.01
N GLN D 336 -2.17 7.85 -23.12
CA GLN D 336 -2.33 7.74 -21.64
C GLN D 336 -2.74 6.30 -21.33
N PRO D 337 -1.96 5.56 -20.53
CA PRO D 337 -2.36 4.20 -20.16
C PRO D 337 -3.53 4.25 -19.17
N VAL D 338 -4.38 3.22 -19.16
CA VAL D 338 -5.33 2.97 -18.06
C VAL D 338 -4.62 2.10 -17.03
N LYS D 339 -4.61 2.54 -15.78
CA LYS D 339 -4.15 1.71 -14.66
C LYS D 339 -5.34 1.34 -13.78
N VAL D 340 -5.51 0.05 -13.55
CA VAL D 340 -6.47 -0.46 -12.53
C VAL D 340 -5.63 -0.86 -11.33
N TYR D 341 -5.81 -0.19 -10.20
CA TYR D 341 -5.08 -0.52 -8.95
C TYR D 341 -5.82 -1.69 -8.27
N ALA D 342 -5.45 -2.91 -8.58
CA ALA D 342 -6.16 -4.13 -8.15
C ALA D 342 -5.26 -5.35 -8.40
N ASP D 343 -5.47 -6.38 -7.57
CA ASP D 343 -4.89 -7.72 -7.79
C ASP D 343 -5.42 -8.25 -9.12
N ALA D 344 -4.53 -8.53 -10.08
CA ALA D 344 -4.92 -9.04 -11.42
C ALA D 344 -5.65 -10.40 -11.28
N SER D 345 -5.47 -11.15 -10.18
CA SER D 345 -6.17 -12.45 -9.97
C SER D 345 -7.68 -12.24 -9.95
N LEU D 346 -8.16 -11.08 -9.47
CA LEU D 346 -9.59 -10.70 -9.44
C LEU D 346 -10.01 -10.10 -10.80
N VAL D 347 -9.20 -9.22 -11.34
CA VAL D 347 -9.67 -8.30 -12.41
C VAL D 347 -9.45 -8.95 -13.79
N PHE D 348 -8.37 -9.67 -13.98
CA PHE D 348 -7.98 -10.06 -15.36
C PHE D 348 -9.02 -11.02 -15.94
N PRO D 349 -9.58 -12.01 -15.20
CA PRO D 349 -10.61 -12.88 -15.80
C PRO D 349 -11.85 -12.08 -16.21
N LEU D 350 -12.24 -11.09 -15.42
CA LEU D 350 -13.40 -10.22 -15.74
C LEU D 350 -13.10 -9.42 -17.01
N LEU D 351 -11.90 -8.89 -17.11
CA LEU D 351 -11.49 -8.10 -18.30
C LEU D 351 -11.59 -9.00 -19.54
N VAL D 352 -11.00 -10.19 -19.47
CA VAL D 352 -10.99 -11.13 -20.62
C VAL D 352 -12.45 -11.53 -20.97
N ALA D 353 -13.32 -11.77 -20.00
CA ALA D 353 -14.73 -12.15 -20.24
C ALA D 353 -15.44 -11.07 -21.07
N GLU D 354 -15.14 -9.80 -20.83
CA GLU D 354 -15.87 -8.67 -21.46
C GLU D 354 -15.15 -8.21 -22.75
N THR D 355 -14.02 -8.81 -23.11
CA THR D 355 -13.20 -8.35 -24.26
C THR D 355 -12.90 -9.53 -25.17
N PHE D 356 -11.75 -10.17 -24.99
CA PHE D 356 -11.29 -11.26 -25.89
C PHE D 356 -12.35 -12.36 -26.01
N ALA D 357 -12.94 -12.81 -24.89
CA ALA D 357 -13.88 -13.94 -24.93
C ALA D 357 -15.16 -13.58 -25.72
N GLN D 358 -15.50 -12.30 -25.85
CA GLN D 358 -16.68 -11.82 -26.64
C GLN D 358 -16.38 -11.92 -28.14
N LYS D 359 -15.11 -12.04 -28.54
CA LYS D 359 -14.70 -11.95 -29.95
C LYS D 359 -14.01 -13.25 -30.36
N MET D 360 -14.27 -14.32 -29.61
CA MET D 360 -13.69 -15.65 -29.88
C MET D 360 -13.94 -16.06 -31.35
N ASP D 361 -15.15 -15.82 -31.87
CA ASP D 361 -15.54 -16.17 -33.26
C ASP D 361 -14.53 -15.58 -34.27
N ALA D 362 -14.16 -14.31 -34.12
CA ALA D 362 -13.20 -13.58 -34.99
C ALA D 362 -11.79 -14.17 -34.90
N PHE D 363 -11.43 -14.87 -33.83
CA PHE D 363 -10.09 -15.52 -33.70
C PHE D 363 -10.23 -17.00 -34.11
#